data_8PKV
#
_entry.id   8PKV
#
_cell.length_a   162.957
_cell.length_b   68.861
_cell.length_c   77.950
_cell.angle_alpha   90.000
_cell.angle_beta   117.655
_cell.angle_gamma   90.000
#
_symmetry.space_group_name_H-M   'C 1 2 1'
#
loop_
_entity.id
_entity.type
_entity.pdbx_description
1 polymer 'Kelch-like ECH-associated protein 1'
2 polymer CP5
3 non-polymer 'SULFATE ION'
4 non-polymer 'CHLORIDE ION'
5 non-polymer 1,2-ETHANEDIOL
6 non-polymer GLYCEROL
7 non-polymer 'SODIUM ION'
8 non-polymer (2-methylphenyl)methanol
9 water water
#
loop_
_entity_poly.entity_id
_entity_poly.type
_entity_poly.pdbx_seq_one_letter_code
_entity_poly.pdbx_strand_id
1 'polypeptide(L)'
;GHMKPTQVMPSRAPKVGRLIYTAGGYFRQSLSYLEAYNPSDGTWLRLADLQVPRSGLAGCVVGGLLYAVGGRNNSPDGNT
DSSALDCYNPMTNQWSPCAPMSVPRNRIGVGVIDGHIYAVGGSHGCIHHNSVERYEPERDEWHLVAPMLTRRIGVGVAVL
NRLLYAVGGFDGTNRLNSAECYYPERNEWRMITAMNTIRSGAGVCVLHNCIYAAGGYDGQDQLNSVERYDVATATWTFVA
PMKHRRSALGITVHQGRIYVLGGYDGHTFLDSVECYDPDTDTWSEVTRMTSGRSGVGVAVTMEPSRKQIDQQNSTS
;
A,B
2 'polypeptide(L)' (ACE)WRCDPETGEC(NH2) P
#
loop_
_chem_comp.id
_chem_comp.type
_chem_comp.name
_chem_comp.formula
ACE non-polymer 'ACETYL GROUP' 'C2 H4 O'
CL non-polymer 'CHLORIDE ION' 'Cl -1'
EDO non-polymer 1,2-ETHANEDIOL 'C2 H6 O2'
GOL non-polymer GLYCEROL 'C3 H8 O3'
NA non-polymer 'SODIUM ION' 'Na 1'
NH2 non-polymer 'AMINO GROUP' 'H2 N'
SO4 non-polymer 'SULFATE ION' 'O4 S -2'
ZK2 non-polymer (2-methylphenyl)methanol 'C8 H10 O'
#
# COMPACT_ATOMS: atom_id res chain seq x y z
N VAL A 16 -19.78 15.90 2.38
CA VAL A 16 -19.40 15.01 3.48
C VAL A 16 -19.86 13.59 3.18
N GLY A 17 -21.10 13.46 2.73
CA GLY A 17 -21.62 12.15 2.38
C GLY A 17 -21.14 11.69 1.02
N ARG A 18 -21.01 10.37 0.88
N ARG A 18 -21.00 10.37 0.88
CA ARG A 18 -20.54 9.77 -0.36
CA ARG A 18 -20.54 9.77 -0.37
C ARG A 18 -21.63 8.89 -0.97
C ARG A 18 -21.65 8.91 -0.96
N LEU A 19 -21.70 8.89 -2.29
CA LEU A 19 -22.71 8.15 -3.03
C LEU A 19 -22.04 7.10 -3.91
N ILE A 20 -22.84 6.12 -4.34
CA ILE A 20 -22.40 5.11 -5.30
C ILE A 20 -22.83 5.56 -6.68
N TYR A 21 -21.87 5.93 -7.53
CA TYR A 21 -22.15 6.41 -8.88
C TYR A 21 -22.07 5.26 -9.86
N THR A 22 -23.06 5.13 -10.73
CA THR A 22 -23.01 4.16 -11.82
C THR A 22 -23.12 4.89 -13.13
N ALA A 23 -22.21 4.60 -14.06
CA ALA A 23 -22.14 5.29 -15.34
C ALA A 23 -22.27 4.28 -16.47
N GLY A 24 -23.07 4.65 -17.48
CA GLY A 24 -23.18 3.85 -18.69
C GLY A 24 -23.87 2.52 -18.44
N GLY A 25 -23.51 1.54 -19.26
CA GLY A 25 -24.08 0.21 -19.19
C GLY A 25 -24.76 -0.16 -20.49
N TYR A 26 -25.42 -1.31 -20.48
CA TYR A 26 -26.05 -1.84 -21.68
C TYR A 26 -27.43 -2.41 -21.36
N PHE A 27 -28.41 -2.03 -22.16
CA PHE A 27 -29.71 -2.69 -22.20
C PHE A 27 -30.25 -2.40 -23.59
N ARG A 28 -30.15 -3.39 -24.48
CA ARG A 28 -30.52 -3.32 -25.89
C ARG A 28 -29.56 -2.45 -26.70
N GLN A 29 -29.09 -1.36 -26.10
N GLN A 29 -29.10 -1.35 -26.11
CA GLN A 29 -28.03 -0.52 -26.66
CA GLN A 29 -28.00 -0.56 -26.66
C GLN A 29 -27.23 0.04 -25.50
C GLN A 29 -27.16 -0.08 -25.49
N SER A 30 -26.06 0.59 -25.79
CA SER A 30 -25.28 1.22 -24.73
C SER A 30 -26.01 2.45 -24.19
N LEU A 31 -25.73 2.77 -22.93
CA LEU A 31 -26.49 3.75 -22.17
C LEU A 31 -25.61 4.94 -21.81
N SER A 32 -26.25 6.10 -21.62
N SER A 32 -26.23 6.11 -21.61
CA SER A 32 -25.57 7.32 -21.22
CA SER A 32 -25.49 7.29 -21.19
C SER A 32 -25.78 7.69 -19.76
C SER A 32 -25.82 7.72 -19.77
N TYR A 33 -26.54 6.91 -19.01
CA TYR A 33 -26.94 7.28 -17.65
C TYR A 33 -25.75 7.51 -16.73
N LEU A 34 -25.87 8.54 -15.89
CA LEU A 34 -25.08 8.66 -14.68
C LEU A 34 -26.09 8.85 -13.55
N GLU A 35 -26.10 7.90 -12.62
CA GLU A 35 -27.00 7.93 -11.47
C GLU A 35 -26.21 7.60 -10.22
N ALA A 36 -26.65 8.16 -9.10
CA ALA A 36 -25.90 8.07 -7.84
C ALA A 36 -26.84 7.60 -6.74
N TYR A 37 -26.48 6.49 -6.10
CA TYR A 37 -27.28 5.84 -5.08
C TYR A 37 -26.82 6.27 -3.70
N ASN A 38 -27.77 6.62 -2.84
CA ASN A 38 -27.50 7.00 -1.46
C ASN A 38 -27.89 5.81 -0.58
N PRO A 39 -26.95 5.06 -0.01
CA PRO A 39 -27.33 3.86 0.75
C PRO A 39 -28.08 4.17 2.02
N SER A 40 -28.06 5.42 2.49
CA SER A 40 -28.75 5.79 3.71
C SER A 40 -30.21 6.13 3.43
N ASP A 41 -30.47 7.07 2.53
CA ASP A 41 -31.85 7.47 2.30
C ASP A 41 -32.49 6.75 1.13
N GLY A 42 -31.73 5.89 0.45
CA GLY A 42 -32.29 5.00 -0.56
C GLY A 42 -32.50 5.58 -1.94
N THR A 43 -32.21 6.88 -2.15
CA THR A 43 -32.56 7.52 -3.41
C THR A 43 -31.55 7.21 -4.51
N TRP A 44 -32.03 7.34 -5.75
CA TRP A 44 -31.18 7.43 -6.94
C TRP A 44 -31.28 8.85 -7.50
N LEU A 45 -30.14 9.51 -7.61
CA LEU A 45 -30.07 10.83 -8.23
C LEU A 45 -29.69 10.68 -9.69
N ARG A 46 -30.42 11.35 -10.58
CA ARG A 46 -30.09 11.37 -12.00
C ARG A 46 -29.21 12.58 -12.29
N LEU A 47 -28.01 12.33 -12.80
CA LEU A 47 -27.01 13.36 -13.01
C LEU A 47 -26.75 13.53 -14.50
N ALA A 48 -25.76 14.37 -14.83
CA ALA A 48 -25.48 14.68 -16.22
C ALA A 48 -25.13 13.42 -17.01
N ASP A 49 -25.75 13.27 -18.19
CA ASP A 49 -25.46 12.13 -19.06
C ASP A 49 -24.00 12.13 -19.49
N LEU A 50 -23.44 10.93 -19.66
CA LEU A 50 -22.22 10.76 -20.44
C LEU A 50 -22.37 11.43 -21.80
N GLN A 51 -21.27 11.97 -22.30
N GLN A 51 -21.27 11.96 -22.32
CA GLN A 51 -21.28 12.58 -23.63
CA GLN A 51 -21.32 12.60 -23.63
C GLN A 51 -21.62 11.56 -24.70
C GLN A 51 -21.51 11.59 -24.75
N VAL A 52 -21.15 10.32 -24.53
CA VAL A 52 -21.32 9.25 -25.50
C VAL A 52 -21.83 8.01 -24.76
N PRO A 53 -22.88 7.34 -25.24
CA PRO A 53 -23.32 6.11 -24.55
C PRO A 53 -22.22 5.07 -24.59
N ARG A 54 -22.03 4.39 -23.45
CA ARG A 54 -20.94 3.42 -23.34
C ARG A 54 -21.32 2.28 -22.42
N SER A 55 -21.00 1.06 -22.84
CA SER A 55 -21.06 -0.15 -22.02
C SER A 55 -19.67 -0.77 -21.97
N GLY A 56 -19.44 -1.62 -20.97
CA GLY A 56 -18.15 -2.27 -20.85
C GLY A 56 -17.03 -1.35 -20.44
N LEU A 57 -17.37 -0.19 -19.86
CA LEU A 57 -16.41 0.77 -19.34
C LEU A 57 -16.10 0.45 -17.89
N ALA A 58 -15.11 1.16 -17.35
CA ALA A 58 -14.83 1.08 -15.94
C ALA A 58 -14.92 2.47 -15.33
N GLY A 59 -15.25 2.52 -14.05
CA GLY A 59 -15.25 3.75 -13.27
C GLY A 59 -14.19 3.72 -12.20
N CYS A 60 -13.64 4.90 -11.88
CA CYS A 60 -12.75 5.03 -10.74
C CYS A 60 -12.77 6.47 -10.28
N VAL A 61 -12.20 6.73 -9.11
CA VAL A 61 -12.20 8.07 -8.56
C VAL A 61 -10.78 8.46 -8.19
N VAL A 62 -10.35 9.64 -8.60
CA VAL A 62 -9.06 10.21 -8.21
C VAL A 62 -9.28 11.67 -7.86
N GLY A 63 -8.79 12.08 -6.69
CA GLY A 63 -8.95 13.48 -6.30
C GLY A 63 -10.39 13.94 -6.25
N GLY A 64 -11.31 13.04 -5.89
CA GLY A 64 -12.71 13.39 -5.80
C GLY A 64 -13.46 13.41 -7.10
N LEU A 65 -12.77 13.28 -8.23
CA LEU A 65 -13.40 13.30 -9.55
C LEU A 65 -13.65 11.88 -10.02
N LEU A 66 -14.80 11.68 -10.66
CA LEU A 66 -15.19 10.39 -11.22
C LEU A 66 -14.71 10.27 -12.65
N TYR A 67 -14.04 9.16 -12.98
CA TYR A 67 -13.54 8.90 -14.32
C TYR A 67 -14.28 7.73 -14.94
N ALA A 68 -14.63 7.87 -16.22
CA ALA A 68 -15.23 6.81 -17.03
C ALA A 68 -14.23 6.45 -18.12
N VAL A 69 -13.82 5.18 -18.15
CA VAL A 69 -12.67 4.73 -18.93
C VAL A 69 -13.10 3.67 -19.93
N GLY A 70 -12.83 3.91 -21.22
CA GLY A 70 -13.00 2.87 -22.22
C GLY A 70 -14.45 2.51 -22.48
N GLY A 71 -14.67 1.26 -22.87
CA GLY A 71 -15.99 0.77 -23.19
C GLY A 71 -16.25 0.65 -24.68
N ARG A 72 -17.53 0.68 -25.01
CA ARG A 72 -17.98 0.47 -26.38
C ARG A 72 -19.35 1.12 -26.54
N ASN A 73 -19.56 1.78 -27.66
CA ASN A 73 -20.87 2.36 -27.97
C ASN A 73 -21.59 1.42 -28.94
N ASN A 74 -22.48 0.60 -28.39
CA ASN A 74 -23.41 -0.22 -29.17
C ASN A 74 -24.66 0.62 -29.41
N SER A 75 -24.87 1.02 -30.66
N SER A 75 -24.87 1.02 -30.66
CA SER A 75 -25.99 1.87 -31.03
CA SER A 75 -25.99 1.87 -31.03
C SER A 75 -26.68 1.29 -32.25
C SER A 75 -26.67 1.27 -32.24
N PRO A 76 -27.95 1.61 -32.46
CA PRO A 76 -28.62 1.15 -33.69
C PRO A 76 -27.98 1.71 -34.95
N ASP A 77 -27.21 2.79 -34.84
CA ASP A 77 -26.52 3.39 -35.97
C ASP A 77 -25.15 2.79 -36.23
N GLY A 78 -24.69 1.87 -35.38
CA GLY A 78 -23.36 1.30 -35.53
C GLY A 78 -22.69 1.08 -34.19
N ASN A 79 -21.59 0.32 -34.16
CA ASN A 79 -20.92 -0.05 -32.93
C ASN A 79 -19.45 0.36 -33.01
N THR A 80 -18.95 0.92 -31.90
CA THR A 80 -17.55 1.32 -31.89
C THR A 80 -16.98 1.15 -30.49
N ASP A 81 -15.82 0.50 -30.40
CA ASP A 81 -15.10 0.49 -29.13
C ASP A 81 -14.57 1.87 -28.82
N SER A 82 -14.28 2.13 -27.55
CA SER A 82 -13.92 3.47 -27.13
C SER A 82 -12.58 3.49 -26.43
N SER A 83 -11.75 4.48 -26.80
CA SER A 83 -10.52 4.79 -26.05
C SER A 83 -10.72 5.93 -25.06
N ALA A 84 -11.94 6.44 -24.93
CA ALA A 84 -12.13 7.72 -24.25
C ALA A 84 -11.91 7.60 -22.76
N LEU A 85 -11.37 8.69 -22.20
CA LEU A 85 -11.36 8.96 -20.78
C LEU A 85 -12.14 10.25 -20.56
N ASP A 86 -13.15 10.20 -19.69
CA ASP A 86 -13.95 11.37 -19.37
C ASP A 86 -14.06 11.49 -17.86
N CYS A 87 -14.18 12.75 -17.40
N CYS A 87 -14.13 12.73 -17.37
CA CYS A 87 -14.11 13.07 -15.98
CA CYS A 87 -14.16 12.91 -15.94
C CYS A 87 -15.37 13.82 -15.56
C CYS A 87 -15.33 13.79 -15.52
N TYR A 88 -15.99 13.39 -14.45
CA TYR A 88 -17.20 14.02 -13.94
C TYR A 88 -16.88 14.68 -12.60
N ASN A 89 -17.29 15.94 -12.47
CA ASN A 89 -17.04 16.69 -11.25
C ASN A 89 -18.37 16.87 -10.50
N PRO A 90 -18.56 16.22 -9.34
CA PRO A 90 -19.83 16.38 -8.61
C PRO A 90 -20.12 17.80 -8.17
N MET A 91 -19.09 18.63 -8.02
N MET A 91 -19.08 18.63 -8.01
CA MET A 91 -19.27 20.01 -7.59
CA MET A 91 -19.29 20.01 -7.60
C MET A 91 -19.80 20.92 -8.69
C MET A 91 -19.99 20.83 -8.67
N THR A 92 -19.82 20.45 -9.94
CA THR A 92 -20.39 21.18 -11.05
C THR A 92 -21.43 20.38 -11.82
N ASN A 93 -21.56 19.08 -11.54
CA ASN A 93 -22.43 18.20 -12.33
C ASN A 93 -22.13 18.32 -13.82
N GLN A 94 -20.85 18.35 -14.16
CA GLN A 94 -20.42 18.44 -15.55
C GLN A 94 -19.37 17.38 -15.86
N TRP A 95 -19.48 16.80 -17.05
CA TRP A 95 -18.44 15.96 -17.61
C TRP A 95 -17.46 16.80 -18.43
N SER A 96 -16.19 16.37 -18.44
N SER A 96 -16.20 16.39 -18.43
CA SER A 96 -15.14 17.01 -19.23
CA SER A 96 -15.22 17.00 -19.30
C SER A 96 -14.28 15.90 -19.85
C SER A 96 -14.32 15.89 -19.87
N PRO A 97 -13.96 15.99 -21.14
CA PRO A 97 -13.09 14.98 -21.73
C PRO A 97 -11.67 15.09 -21.19
N CYS A 98 -10.99 13.94 -21.21
CA CYS A 98 -9.56 13.83 -20.92
C CYS A 98 -8.86 13.29 -22.16
N ALA A 99 -7.53 13.22 -22.09
CA ALA A 99 -6.78 12.58 -23.17
C ALA A 99 -7.21 11.13 -23.28
N PRO A 100 -7.38 10.61 -24.50
CA PRO A 100 -7.77 9.19 -24.66
C PRO A 100 -6.58 8.24 -24.51
N MET A 101 -6.93 6.98 -24.27
CA MET A 101 -5.95 5.91 -24.24
C MET A 101 -5.39 5.69 -25.65
N SER A 102 -4.28 4.93 -25.70
CA SER A 102 -3.62 4.61 -26.96
C SER A 102 -4.47 3.75 -27.87
N VAL A 103 -5.40 2.97 -27.31
N VAL A 103 -5.43 3.01 -27.31
CA VAL A 103 -6.23 2.06 -28.08
CA VAL A 103 -6.21 2.03 -28.06
C VAL A 103 -7.61 2.02 -27.45
C VAL A 103 -7.60 1.93 -27.43
N PRO A 104 -8.66 1.68 -28.21
CA PRO A 104 -9.96 1.40 -27.58
C PRO A 104 -9.90 0.14 -26.74
N ARG A 105 -10.64 0.14 -25.63
CA ARG A 105 -10.62 -0.97 -24.68
C ARG A 105 -12.04 -1.22 -24.20
N ASN A 106 -12.73 -2.15 -24.86
CA ASN A 106 -14.03 -2.61 -24.39
C ASN A 106 -13.83 -3.70 -23.35
N ARG A 107 -14.70 -3.71 -22.34
CA ARG A 107 -14.62 -4.70 -21.25
C ARG A 107 -13.25 -4.60 -20.57
N ILE A 108 -12.94 -3.38 -20.17
CA ILE A 108 -11.70 -2.98 -19.55
C ILE A 108 -11.80 -3.21 -18.05
N GLY A 109 -10.64 -3.32 -17.40
CA GLY A 109 -10.55 -3.13 -15.96
C GLY A 109 -9.59 -1.99 -15.65
N VAL A 110 -9.83 -1.31 -14.52
CA VAL A 110 -8.94 -0.22 -14.11
C VAL A 110 -8.64 -0.31 -12.62
N GLY A 111 -7.50 0.26 -12.23
CA GLY A 111 -7.17 0.46 -10.83
C GLY A 111 -6.39 1.74 -10.68
N VAL A 112 -6.34 2.23 -9.45
CA VAL A 112 -5.67 3.49 -9.13
C VAL A 112 -4.52 3.21 -8.17
N ILE A 113 -3.32 3.66 -8.54
CA ILE A 113 -2.15 3.60 -7.66
C ILE A 113 -1.50 4.98 -7.61
N ASP A 114 -1.36 5.53 -6.41
CA ASP A 114 -0.63 6.79 -6.21
C ASP A 114 -1.16 7.88 -7.12
N GLY A 115 -2.48 7.97 -7.24
CA GLY A 115 -3.13 9.00 -8.04
C GLY A 115 -3.08 8.82 -9.53
N HIS A 116 -2.62 7.67 -10.02
CA HIS A 116 -2.57 7.37 -11.46
C HIS A 116 -3.55 6.25 -11.81
N ILE A 117 -4.18 6.35 -12.98
CA ILE A 117 -5.17 5.37 -13.41
C ILE A 117 -4.49 4.36 -14.33
N TYR A 118 -4.64 3.08 -14.01
CA TYR A 118 -4.12 2.01 -14.85
C TYR A 118 -5.28 1.39 -15.62
N ALA A 119 -5.17 1.39 -16.94
CA ALA A 119 -6.14 0.77 -17.83
C ALA A 119 -5.57 -0.57 -18.28
N VAL A 120 -6.34 -1.65 -18.10
CA VAL A 120 -5.84 -3.02 -18.21
C VAL A 120 -6.69 -3.78 -19.23
N GLY A 121 -6.05 -4.34 -20.26
CA GLY A 121 -6.72 -5.34 -21.09
C GLY A 121 -7.87 -4.77 -21.88
N GLY A 122 -8.92 -5.57 -22.05
CA GLY A 122 -10.04 -5.20 -22.89
C GLY A 122 -9.83 -5.62 -24.33
N SER A 123 -10.79 -5.25 -25.17
CA SER A 123 -10.78 -5.63 -26.57
C SER A 123 -11.00 -4.43 -27.49
N HIS A 124 -10.49 -4.57 -28.71
CA HIS A 124 -10.73 -3.62 -29.78
C HIS A 124 -11.02 -4.47 -31.01
N GLY A 125 -12.31 -4.60 -31.34
CA GLY A 125 -12.68 -5.51 -32.40
C GLY A 125 -12.25 -6.91 -32.04
N CYS A 126 -11.47 -7.53 -32.95
N CYS A 126 -11.49 -7.56 -32.94
CA CYS A 126 -10.94 -8.87 -32.80
CA CYS A 126 -11.02 -8.90 -32.63
C CYS A 126 -9.64 -8.92 -32.02
C CYS A 126 -9.82 -8.91 -31.69
N ILE A 127 -9.15 -7.78 -31.53
CA ILE A 127 -7.92 -7.73 -30.75
C ILE A 127 -8.25 -7.86 -29.28
N HIS A 128 -7.66 -8.84 -28.61
N HIS A 128 -7.64 -8.82 -28.61
CA HIS A 128 -7.79 -8.99 -27.17
CA HIS A 128 -7.74 -9.03 -27.18
C HIS A 128 -6.48 -8.53 -26.55
C HIS A 128 -6.45 -8.51 -26.55
N HIS A 129 -6.55 -7.45 -25.76
CA HIS A 129 -5.35 -6.77 -25.27
C HIS A 129 -4.68 -7.51 -24.13
N ASN A 130 -3.36 -7.65 -24.20
CA ASN A 130 -2.57 -7.80 -23.00
C ASN A 130 -1.93 -6.48 -22.57
N SER A 131 -2.09 -5.43 -23.35
CA SER A 131 -1.39 -4.19 -23.04
C SER A 131 -2.06 -3.46 -21.87
N VAL A 132 -1.26 -2.60 -21.23
CA VAL A 132 -1.63 -1.84 -20.04
C VAL A 132 -1.06 -0.44 -20.20
N GLU A 133 -1.81 0.57 -19.78
CA GLU A 133 -1.29 1.93 -19.83
C GLU A 133 -1.73 2.71 -18.60
N ARG A 134 -1.00 3.78 -18.32
CA ARG A 134 -1.15 4.54 -17.08
C ARG A 134 -1.44 6.00 -17.39
N TYR A 135 -2.46 6.56 -16.71
CA TYR A 135 -2.87 7.94 -16.90
C TYR A 135 -2.43 8.78 -15.71
N GLU A 136 -1.86 9.96 -16.01
CA GLU A 136 -1.42 10.92 -15.00
C GLU A 136 -2.33 12.14 -15.05
N PRO A 137 -3.25 12.30 -14.09
CA PRO A 137 -4.19 13.43 -14.17
C PRO A 137 -3.51 14.79 -14.16
N GLU A 138 -2.38 14.90 -13.45
N GLU A 138 -2.39 14.93 -13.46
CA GLU A 138 -1.63 16.15 -13.30
CA GLU A 138 -1.72 16.23 -13.40
C GLU A 138 -0.96 16.59 -14.59
C GLU A 138 -1.19 16.65 -14.76
N ARG A 139 -0.89 15.72 -15.60
N ARG A 139 -0.83 15.71 -15.61
CA ARG A 139 -0.38 16.08 -16.91
CA ARG A 139 -0.31 16.00 -16.94
C ARG A 139 -1.35 15.80 -18.03
C ARG A 139 -1.29 15.69 -18.06
N ASP A 140 -2.46 15.11 -17.74
CA ASP A 140 -3.43 14.65 -18.75
C ASP A 140 -2.74 13.89 -19.89
N GLU A 141 -2.00 12.85 -19.51
CA GLU A 141 -1.20 12.05 -20.42
C GLU A 141 -1.31 10.58 -20.07
N TRP A 142 -1.37 9.73 -21.08
CA TRP A 142 -1.25 8.29 -20.92
C TRP A 142 0.14 7.84 -21.37
N HIS A 143 0.62 6.77 -20.74
CA HIS A 143 1.88 6.14 -21.13
C HIS A 143 1.72 4.64 -21.04
N LEU A 144 2.18 3.91 -22.06
CA LEU A 144 2.13 2.46 -22.00
C LEU A 144 3.10 1.95 -20.94
N VAL A 145 2.68 0.91 -20.22
CA VAL A 145 3.59 0.22 -19.31
C VAL A 145 3.75 -1.22 -19.78
N ALA A 146 4.38 -2.06 -18.96
CA ALA A 146 4.63 -3.43 -19.38
C ALA A 146 3.31 -4.18 -19.58
N PRO A 147 3.18 -4.96 -20.66
CA PRO A 147 1.94 -5.71 -20.87
C PRO A 147 1.83 -6.91 -19.96
N MET A 148 0.59 -7.34 -19.75
CA MET A 148 0.33 -8.53 -18.95
C MET A 148 0.91 -9.78 -19.61
N LEU A 149 1.03 -10.84 -18.80
CA LEU A 149 1.40 -12.15 -19.31
C LEU A 149 0.30 -12.78 -20.15
N THR A 150 -0.92 -12.26 -20.03
CA THR A 150 -2.11 -12.86 -20.61
C THR A 150 -2.95 -11.77 -21.27
N ARG A 151 -3.54 -12.10 -22.41
CA ARG A 151 -4.60 -11.25 -22.96
C ARG A 151 -5.87 -11.47 -22.15
N ARG A 152 -6.50 -10.38 -21.70
CA ARG A 152 -7.64 -10.47 -20.78
C ARG A 152 -8.68 -9.43 -21.15
N ILE A 153 -9.82 -9.87 -21.67
CA ILE A 153 -10.99 -9.02 -21.81
C ILE A 153 -11.98 -9.41 -20.73
N GLY A 154 -12.76 -8.45 -20.24
CA GLY A 154 -13.60 -8.74 -19.09
C GLY A 154 -12.80 -9.06 -17.86
N VAL A 155 -11.68 -8.39 -17.69
CA VAL A 155 -10.72 -8.62 -16.61
C VAL A 155 -11.15 -7.82 -15.38
N GLY A 156 -10.98 -8.39 -14.20
CA GLY A 156 -11.24 -7.68 -12.96
C GLY A 156 -9.93 -7.12 -12.44
N VAL A 157 -9.96 -5.91 -11.89
CA VAL A 157 -8.73 -5.25 -11.46
C VAL A 157 -8.94 -4.72 -10.04
N ALA A 158 -7.92 -4.90 -9.20
CA ALA A 158 -7.96 -4.35 -7.86
C ALA A 158 -6.54 -3.98 -7.45
N VAL A 159 -6.44 -3.03 -6.53
CA VAL A 159 -5.15 -2.57 -6.03
C VAL A 159 -5.06 -2.91 -4.55
N LEU A 160 -3.98 -3.57 -4.17
CA LEU A 160 -3.77 -3.94 -2.78
C LEU A 160 -2.32 -3.64 -2.46
N ASN A 161 -2.10 -2.78 -1.45
CA ASN A 161 -0.76 -2.37 -1.03
C ASN A 161 0.07 -1.89 -2.21
N ARG A 162 -0.56 -1.10 -3.07
CA ARG A 162 0.09 -0.43 -4.20
C ARG A 162 0.64 -1.41 -5.22
N LEU A 163 0.10 -2.63 -5.26
CA LEU A 163 0.28 -3.55 -6.37
C LEU A 163 -1.04 -3.67 -7.11
N LEU A 164 -0.94 -3.88 -8.42
CA LEU A 164 -2.11 -3.96 -9.29
C LEU A 164 -2.34 -5.42 -9.64
N TYR A 165 -3.57 -5.90 -9.42
CA TYR A 165 -3.92 -7.29 -9.67
C TYR A 165 -4.92 -7.37 -10.81
N ALA A 166 -4.65 -8.24 -11.78
CA ALA A 166 -5.53 -8.51 -12.91
C ALA A 166 -6.06 -9.93 -12.75
N VAL A 167 -7.39 -10.08 -12.72
CA VAL A 167 -8.03 -11.30 -12.22
C VAL A 167 -8.99 -11.83 -13.29
N GLY A 168 -8.78 -13.08 -13.72
CA GLY A 168 -9.73 -13.68 -14.63
C GLY A 168 -9.79 -13.02 -16.01
N GLY A 169 -10.92 -13.20 -16.67
CA GLY A 169 -11.17 -12.64 -17.98
C GLY A 169 -11.26 -13.71 -19.06
N PHE A 170 -11.10 -13.26 -20.30
CA PHE A 170 -11.26 -14.09 -21.48
C PHE A 170 -10.13 -13.73 -22.44
N ASP A 171 -9.37 -14.72 -22.89
CA ASP A 171 -8.22 -14.42 -23.74
C ASP A 171 -8.53 -14.50 -25.23
N GLY A 172 -9.81 -14.60 -25.59
CA GLY A 172 -10.21 -14.79 -26.97
C GLY A 172 -10.53 -16.22 -27.32
N THR A 173 -10.09 -17.17 -26.48
CA THR A 173 -10.32 -18.58 -26.70
C THR A 173 -10.80 -19.25 -25.42
N ASN A 174 -10.10 -18.95 -24.32
CA ASN A 174 -10.35 -19.56 -23.02
C ASN A 174 -10.75 -18.49 -22.03
N ARG A 175 -11.70 -18.81 -21.17
CA ARG A 175 -11.93 -18.00 -19.99
C ARG A 175 -11.00 -18.47 -18.88
N LEU A 176 -10.68 -17.55 -17.97
CA LEU A 176 -9.50 -17.63 -17.14
C LEU A 176 -9.85 -17.67 -15.67
N ASN A 177 -9.16 -18.54 -14.92
CA ASN A 177 -9.10 -18.38 -13.46
C ASN A 177 -7.77 -17.81 -13.00
N SER A 178 -6.83 -17.59 -13.91
CA SER A 178 -5.53 -17.09 -13.49
C SER A 178 -5.64 -15.64 -13.04
N ALA A 179 -4.71 -15.24 -12.19
CA ALA A 179 -4.53 -13.85 -11.82
C ALA A 179 -3.05 -13.52 -11.87
N GLU A 180 -2.74 -12.25 -12.10
CA GLU A 180 -1.35 -11.83 -12.13
C GLU A 180 -1.24 -10.48 -11.46
N CYS A 181 -0.02 -10.13 -11.06
CA CYS A 181 0.20 -8.98 -10.20
C CYS A 181 1.29 -8.10 -10.81
N TYR A 182 1.01 -6.80 -10.89
CA TYR A 182 1.90 -5.83 -11.50
C TYR A 182 2.64 -5.05 -10.42
N TYR A 183 3.97 -4.98 -10.56
CA TYR A 183 4.85 -4.25 -9.67
C TYR A 183 5.27 -2.96 -10.35
N PRO A 184 4.72 -1.80 -9.96
CA PRO A 184 5.06 -0.56 -10.69
C PRO A 184 6.53 -0.21 -10.64
N GLU A 185 7.21 -0.43 -9.51
CA GLU A 185 8.61 -0.07 -9.43
C GLU A 185 9.46 -0.92 -10.35
N ARG A 186 9.12 -2.20 -10.49
CA ARG A 186 9.83 -3.07 -11.42
C ARG A 186 9.28 -3.03 -12.82
N ASN A 187 8.07 -2.48 -13.01
CA ASN A 187 7.38 -2.50 -14.29
C ASN A 187 7.34 -3.94 -14.84
N GLU A 188 6.84 -4.84 -14.01
CA GLU A 188 6.84 -6.26 -14.32
C GLU A 188 5.56 -6.91 -13.79
N TRP A 189 5.06 -7.88 -14.55
CA TRP A 189 3.91 -8.68 -14.17
C TRP A 189 4.37 -10.06 -13.71
N ARG A 190 3.75 -10.56 -12.65
CA ARG A 190 4.09 -11.88 -12.15
C ARG A 190 2.81 -12.64 -11.85
N MET A 191 2.76 -13.90 -12.27
CA MET A 191 1.61 -14.73 -11.98
C MET A 191 1.48 -14.98 -10.49
N ILE A 192 0.24 -15.01 -10.01
CA ILE A 192 -0.02 -15.42 -8.63
C ILE A 192 -0.87 -16.69 -8.65
N THR A 193 -1.35 -17.10 -7.47
CA THR A 193 -2.23 -18.26 -7.37
C THR A 193 -3.54 -18.00 -8.10
N ALA A 194 -4.00 -18.99 -8.87
CA ALA A 194 -5.24 -18.86 -9.62
C ALA A 194 -6.46 -19.00 -8.72
N MET A 195 -7.55 -18.36 -9.12
CA MET A 195 -8.82 -18.53 -8.43
C MET A 195 -9.28 -19.98 -8.49
N ASN A 196 -10.18 -20.32 -7.58
CA ASN A 196 -10.83 -21.61 -7.63
C ASN A 196 -11.69 -21.75 -8.88
N THR A 197 -12.32 -20.65 -9.32
CA THR A 197 -13.30 -20.66 -10.38
C THR A 197 -12.86 -19.79 -11.55
N ILE A 198 -13.08 -20.30 -12.76
CA ILE A 198 -12.88 -19.49 -13.97
C ILE A 198 -13.95 -18.41 -14.03
N ARG A 199 -13.54 -17.17 -14.28
CA ARG A 199 -14.50 -16.05 -14.34
C ARG A 199 -14.08 -15.04 -15.38
N SER A 200 -14.97 -14.74 -16.33
CA SER A 200 -14.87 -13.51 -17.10
CA SER A 200 -14.90 -13.53 -17.14
C SER A 200 -16.06 -12.61 -16.74
N GLY A 201 -15.81 -11.31 -16.79
CA GLY A 201 -16.89 -10.40 -16.39
C GLY A 201 -17.29 -10.46 -14.93
N ALA A 202 -16.36 -10.82 -14.05
CA ALA A 202 -16.62 -10.78 -12.62
C ALA A 202 -16.49 -9.33 -12.13
N GLY A 203 -16.99 -9.10 -10.91
CA GLY A 203 -16.71 -7.88 -10.20
C GLY A 203 -15.55 -8.16 -9.26
N VAL A 204 -14.52 -7.34 -9.36
CA VAL A 204 -13.32 -7.51 -8.53
C VAL A 204 -13.05 -6.21 -7.80
N CYS A 205 -12.77 -6.30 -6.51
CA CYS A 205 -12.52 -5.14 -5.69
C CYS A 205 -11.74 -5.56 -4.45
N VAL A 206 -11.35 -4.56 -3.67
N VAL A 206 -11.32 -4.56 -3.69
CA VAL A 206 -10.55 -4.75 -2.47
CA VAL A 206 -10.55 -4.77 -2.48
C VAL A 206 -11.39 -4.30 -1.28
C VAL A 206 -11.40 -4.31 -1.29
N LEU A 207 -11.43 -5.13 -0.24
CA LEU A 207 -12.16 -4.80 0.97
C LEU A 207 -11.39 -5.38 2.14
N HIS A 208 -11.02 -4.52 3.09
CA HIS A 208 -10.31 -4.95 4.30
C HIS A 208 -9.10 -5.82 3.95
N ASN A 209 -8.28 -5.34 3.02
CA ASN A 209 -6.99 -5.94 2.67
C ASN A 209 -7.12 -7.31 2.02
N CYS A 210 -8.26 -7.61 1.43
CA CYS A 210 -8.45 -8.81 0.63
C CYS A 210 -9.03 -8.42 -0.72
N ILE A 211 -8.66 -9.16 -1.76
CA ILE A 211 -9.27 -9.00 -3.08
C ILE A 211 -10.47 -9.93 -3.16
N TYR A 212 -11.61 -9.38 -3.55
CA TYR A 212 -12.82 -10.17 -3.78
C TYR A 212 -13.09 -10.28 -5.27
N ALA A 213 -13.52 -11.46 -5.71
CA ALA A 213 -13.98 -11.69 -7.06
C ALA A 213 -15.37 -12.30 -6.97
N ALA A 214 -16.38 -11.59 -7.49
CA ALA A 214 -17.78 -11.99 -7.36
C ALA A 214 -18.39 -12.22 -8.74
N GLY A 215 -19.09 -13.34 -8.88
CA GLY A 215 -19.81 -13.56 -10.11
C GLY A 215 -18.94 -13.77 -11.33
N GLY A 216 -19.52 -13.45 -12.49
CA GLY A 216 -18.87 -13.64 -13.77
C GLY A 216 -19.50 -14.77 -14.56
N TYR A 217 -18.78 -15.19 -15.60
CA TYR A 217 -19.22 -16.19 -16.55
C TYR A 217 -18.06 -17.13 -16.80
N ASP A 218 -18.30 -18.44 -16.74
CA ASP A 218 -17.23 -19.41 -16.96
C ASP A 218 -17.30 -20.08 -18.32
N GLY A 219 -18.15 -19.60 -19.23
CA GLY A 219 -18.32 -20.24 -20.51
C GLY A 219 -19.45 -21.23 -20.56
N GLN A 220 -20.06 -21.54 -19.42
CA GLN A 220 -21.24 -22.38 -19.34
C GLN A 220 -22.34 -21.69 -18.52
N ASP A 221 -22.00 -21.23 -17.32
CA ASP A 221 -22.99 -20.63 -16.43
C ASP A 221 -22.55 -19.24 -15.99
N GLN A 222 -23.52 -18.35 -15.80
CA GLN A 222 -23.26 -17.16 -14.99
C GLN A 222 -23.17 -17.60 -13.53
N LEU A 223 -22.38 -16.86 -12.76
CA LEU A 223 -21.95 -17.33 -11.45
C LEU A 223 -22.50 -16.45 -10.34
N ASN A 224 -22.79 -17.08 -9.20
CA ASN A 224 -23.07 -16.34 -7.98
C ASN A 224 -22.00 -16.52 -6.92
N SER A 225 -21.01 -17.38 -7.15
CA SER A 225 -19.99 -17.61 -6.14
C SER A 225 -19.07 -16.39 -6.01
N VAL A 226 -18.46 -16.28 -4.83
CA VAL A 226 -17.61 -15.16 -4.47
C VAL A 226 -16.39 -15.74 -3.75
N GLU A 227 -15.19 -15.33 -4.15
CA GLU A 227 -14.01 -15.80 -3.47
C GLU A 227 -13.09 -14.63 -3.18
N ARG A 228 -12.22 -14.83 -2.21
CA ARG A 228 -11.45 -13.76 -1.61
C ARG A 228 -9.99 -14.19 -1.51
N TYR A 229 -9.08 -13.31 -1.91
CA TYR A 229 -7.65 -13.59 -1.93
C TYR A 229 -6.95 -12.87 -0.78
N ASP A 230 -6.17 -13.63 -0.02
CA ASP A 230 -5.36 -13.09 1.05
C ASP A 230 -3.90 -13.18 0.64
N VAL A 231 -3.23 -12.03 0.55
CA VAL A 231 -1.84 -11.98 0.08
C VAL A 231 -0.93 -12.75 1.02
N ALA A 232 -1.16 -12.62 2.33
CA ALA A 232 -0.27 -13.24 3.32
C ALA A 232 -0.21 -14.75 3.16
N THR A 233 -1.30 -15.38 2.76
CA THR A 233 -1.33 -16.82 2.54
C THR A 233 -1.34 -17.21 1.08
N ALA A 234 -1.44 -16.25 0.16
CA ALA A 234 -1.51 -16.51 -1.28
C ALA A 234 -2.56 -17.58 -1.61
N THR A 235 -3.73 -17.45 -0.99
CA THR A 235 -4.81 -18.43 -1.11
C THR A 235 -6.12 -17.71 -1.42
N TRP A 236 -6.92 -18.30 -2.32
CA TRP A 236 -8.30 -17.88 -2.54
C TRP A 236 -9.24 -18.75 -1.74
N THR A 237 -10.23 -18.12 -1.10
CA THR A 237 -11.20 -18.81 -0.25
C THR A 237 -12.60 -18.37 -0.63
N PHE A 238 -13.51 -19.32 -0.80
CA PHE A 238 -14.91 -18.96 -1.05
C PHE A 238 -15.53 -18.30 0.18
N VAL A 239 -16.34 -17.26 -0.07
CA VAL A 239 -17.20 -16.71 0.98
C VAL A 239 -18.64 -16.96 0.55
N ALA A 240 -19.59 -16.29 1.20
CA ALA A 240 -20.99 -16.51 0.88
C ALA A 240 -21.28 -16.09 -0.57
N PRO A 241 -22.06 -16.87 -1.30
CA PRO A 241 -22.43 -16.50 -2.67
C PRO A 241 -23.50 -15.42 -2.70
N MET A 242 -23.52 -14.68 -3.80
CA MET A 242 -24.57 -13.71 -4.05
C MET A 242 -25.92 -14.41 -4.19
N LYS A 243 -26.99 -13.63 -3.99
CA LYS A 243 -28.32 -14.18 -4.21
C LYS A 243 -28.58 -14.45 -5.68
N HIS A 244 -28.07 -13.60 -6.56
CA HIS A 244 -28.35 -13.69 -7.99
C HIS A 244 -27.07 -13.92 -8.78
N ARG A 245 -27.09 -14.95 -9.64
CA ARG A 245 -26.01 -15.14 -10.60
C ARG A 245 -25.92 -13.94 -11.54
N ARG A 246 -24.70 -13.51 -11.86
CA ARG A 246 -24.59 -12.34 -12.71
C ARG A 246 -23.20 -12.26 -13.33
N SER A 247 -23.17 -11.90 -14.61
CA SER A 247 -21.94 -11.59 -15.31
C SER A 247 -22.01 -10.14 -15.77
N ALA A 248 -20.84 -9.51 -15.94
CA ALA A 248 -20.77 -8.10 -16.36
C ALA A 248 -21.48 -7.20 -15.35
N LEU A 249 -21.28 -7.50 -14.07
CA LEU A 249 -21.78 -6.67 -12.98
C LEU A 249 -20.83 -5.51 -12.73
N GLY A 250 -21.34 -4.49 -12.06
CA GLY A 250 -20.51 -3.44 -11.51
C GLY A 250 -20.32 -3.70 -10.02
N ILE A 251 -19.19 -3.28 -9.49
CA ILE A 251 -18.85 -3.54 -8.10
C ILE A 251 -18.15 -2.33 -7.52
N THR A 252 -18.39 -2.08 -6.24
CA THR A 252 -17.65 -1.05 -5.52
C THR A 252 -17.74 -1.32 -4.03
N VAL A 253 -16.96 -0.55 -3.27
CA VAL A 253 -16.96 -0.63 -1.81
C VAL A 253 -17.41 0.71 -1.27
N HIS A 254 -18.33 0.68 -0.31
CA HIS A 254 -18.83 1.88 0.33
C HIS A 254 -18.98 1.58 1.82
N GLN A 255 -18.28 2.35 2.64
CA GLN A 255 -18.36 2.24 4.10
C GLN A 255 -18.23 0.79 4.57
N GLY A 256 -17.21 0.11 4.06
CA GLY A 256 -16.85 -1.20 4.56
C GLY A 256 -17.70 -2.34 4.06
N ARG A 257 -18.53 -2.12 3.04
CA ARG A 257 -19.36 -3.16 2.47
C ARG A 257 -19.23 -3.14 0.96
N ILE A 258 -19.34 -4.32 0.33
CA ILE A 258 -19.30 -4.44 -1.13
C ILE A 258 -20.70 -4.25 -1.67
N TYR A 259 -20.82 -3.51 -2.77
CA TYR A 259 -22.07 -3.40 -3.51
C TYR A 259 -21.87 -3.95 -4.91
N VAL A 260 -22.79 -4.78 -5.38
CA VAL A 260 -22.78 -5.28 -6.75
C VAL A 260 -24.03 -4.77 -7.46
N LEU A 261 -23.88 -4.31 -8.69
CA LEU A 261 -24.94 -3.61 -9.42
C LEU A 261 -25.18 -4.29 -10.75
N GLY A 262 -26.42 -4.74 -10.98
CA GLY A 262 -26.79 -5.16 -12.31
C GLY A 262 -26.04 -6.39 -12.78
N GLY A 263 -25.91 -6.47 -14.09
CA GLY A 263 -25.31 -7.61 -14.74
C GLY A 263 -26.34 -8.36 -15.56
N TYR A 264 -25.94 -9.55 -15.99
CA TYR A 264 -26.68 -10.39 -16.92
C TYR A 264 -26.68 -11.81 -16.38
N ASP A 265 -27.86 -12.45 -16.36
CA ASP A 265 -27.96 -13.77 -15.76
C ASP A 265 -28.29 -14.86 -16.78
N GLY A 266 -28.01 -14.59 -18.06
CA GLY A 266 -28.33 -15.53 -19.12
C GLY A 266 -29.70 -15.32 -19.70
N HIS A 267 -30.54 -14.55 -19.03
N HIS A 267 -30.52 -14.47 -19.08
CA HIS A 267 -31.93 -14.35 -19.41
CA HIS A 267 -31.83 -14.16 -19.64
C HIS A 267 -32.38 -12.90 -19.31
C HIS A 267 -32.16 -12.67 -19.55
N THR A 268 -31.82 -12.12 -18.39
N THR A 268 -32.06 -12.08 -18.36
CA THR A 268 -32.31 -10.79 -18.06
CA THR A 268 -32.46 -10.69 -18.18
C THR A 268 -31.11 -9.88 -17.81
C THR A 268 -31.30 -9.86 -17.65
N PHE A 269 -31.30 -8.59 -18.05
CA PHE A 269 -30.38 -7.59 -17.57
C PHE A 269 -30.91 -7.10 -16.23
N LEU A 270 -30.16 -7.37 -15.17
CA LEU A 270 -30.64 -7.21 -13.80
C LEU A 270 -30.64 -5.75 -13.36
N ASP A 271 -31.62 -5.39 -12.55
CA ASP A 271 -31.56 -4.12 -11.82
C ASP A 271 -31.26 -4.31 -10.35
N SER A 272 -31.05 -5.55 -9.91
N SER A 272 -31.08 -5.54 -9.89
CA SER A 272 -30.77 -5.84 -8.50
CA SER A 272 -30.87 -5.77 -8.46
C SER A 272 -29.45 -5.25 -8.06
C SER A 272 -29.49 -5.31 -8.02
N VAL A 273 -29.43 -4.71 -6.84
CA VAL A 273 -28.19 -4.30 -6.18
C VAL A 273 -28.08 -5.08 -4.88
N GLU A 274 -26.99 -5.84 -4.73
CA GLU A 274 -26.75 -6.60 -3.50
C GLU A 274 -25.57 -6.02 -2.75
N CYS A 275 -25.58 -6.23 -1.44
CA CYS A 275 -24.62 -5.64 -0.53
C CYS A 275 -24.07 -6.75 0.36
N TYR A 276 -22.75 -6.86 0.41
CA TYR A 276 -22.05 -7.87 1.20
C TYR A 276 -21.54 -7.25 2.49
N ASP A 277 -21.95 -7.81 3.63
N ASP A 277 -21.91 -7.85 3.62
CA ASP A 277 -21.41 -7.44 4.92
CA ASP A 277 -21.41 -7.43 4.92
C ASP A 277 -20.32 -8.44 5.28
C ASP A 277 -20.34 -8.40 5.37
N PRO A 278 -19.05 -8.02 5.36
CA PRO A 278 -18.00 -8.99 5.70
C PRO A 278 -18.05 -9.45 7.14
N ASP A 279 -18.60 -8.64 8.05
CA ASP A 279 -18.63 -9.01 9.45
C ASP A 279 -19.54 -10.21 9.70
N THR A 280 -20.62 -10.32 8.92
CA THR A 280 -21.54 -11.44 9.04
C THR A 280 -21.41 -12.44 7.91
N ASP A 281 -20.62 -12.13 6.87
CA ASP A 281 -20.50 -12.97 5.68
C ASP A 281 -21.89 -13.23 5.08
N THR A 282 -22.63 -12.14 4.88
N THR A 282 -22.61 -12.14 4.82
CA THR A 282 -23.99 -12.23 4.35
CA THR A 282 -23.99 -12.22 4.37
C THR A 282 -24.17 -11.24 3.21
C THR A 282 -24.24 -11.21 3.25
N TRP A 283 -24.92 -11.64 2.19
CA TRP A 283 -25.37 -10.76 1.13
C TRP A 283 -26.83 -10.41 1.36
N SER A 284 -27.22 -9.20 0.96
CA SER A 284 -28.63 -8.86 0.96
C SER A 284 -28.93 -7.90 -0.19
N GLU A 285 -30.16 -7.96 -0.70
CA GLU A 285 -30.60 -7.03 -1.73
C GLU A 285 -31.04 -5.72 -1.08
N VAL A 286 -30.47 -4.60 -1.52
CA VAL A 286 -30.73 -3.34 -0.85
C VAL A 286 -31.52 -2.35 -1.70
N THR A 287 -31.43 -2.42 -3.03
CA THR A 287 -32.19 -1.50 -3.87
C THR A 287 -32.33 -2.12 -5.25
N ARG A 288 -33.11 -1.45 -6.10
N ARG A 288 -33.04 -1.41 -6.12
CA ARG A 288 -33.20 -1.80 -7.51
CA ARG A 288 -33.03 -1.69 -7.55
C ARG A 288 -32.89 -0.55 -8.33
C ARG A 288 -32.59 -0.45 -8.28
N MET A 289 -31.95 -0.67 -9.26
N MET A 289 -31.79 -0.63 -9.33
CA MET A 289 -31.64 0.41 -10.18
CA MET A 289 -31.54 0.47 -10.24
C MET A 289 -32.89 0.84 -10.95
C MET A 289 -32.82 0.82 -10.98
N THR A 290 -32.85 2.04 -11.52
CA THR A 290 -34.05 2.53 -12.20
C THR A 290 -34.35 1.74 -13.46
N SER A 291 -33.36 1.02 -14.00
CA SER A 291 -33.61 0.07 -15.07
C SER A 291 -32.47 -0.93 -15.08
N GLY A 292 -32.77 -2.16 -15.52
CA GLY A 292 -31.75 -3.20 -15.56
C GLY A 292 -30.71 -2.93 -16.63
N ARG A 293 -29.48 -3.35 -16.35
CA ARG A 293 -28.36 -3.06 -17.24
C ARG A 293 -27.16 -3.88 -16.83
N SER A 294 -26.27 -4.12 -17.79
CA SER A 294 -24.99 -4.75 -17.53
C SER A 294 -23.85 -3.85 -18.00
N GLY A 295 -22.63 -4.22 -17.63
CA GLY A 295 -21.48 -3.52 -18.17
C GLY A 295 -21.35 -2.07 -17.74
N VAL A 296 -21.78 -1.74 -16.49
CA VAL A 296 -21.64 -0.37 -15.98
C VAL A 296 -20.24 -0.14 -15.42
N GLY A 297 -19.86 1.14 -15.31
CA GLY A 297 -18.75 1.55 -14.47
C GLY A 297 -19.31 2.12 -13.18
N VAL A 298 -18.68 1.77 -12.06
N VAL A 298 -18.67 1.80 -12.06
CA VAL A 298 -19.14 2.14 -10.72
CA VAL A 298 -19.20 2.25 -10.77
C VAL A 298 -17.97 2.68 -9.92
C VAL A 298 -18.05 2.62 -9.85
N ALA A 299 -18.23 3.73 -9.13
CA ALA A 299 -17.25 4.19 -8.14
C ALA A 299 -17.95 5.06 -7.10
N VAL A 300 -17.21 5.42 -6.05
CA VAL A 300 -17.78 6.14 -4.91
C VAL A 300 -17.05 7.46 -4.75
N THR A 301 -17.81 8.56 -4.62
CA THR A 301 -17.21 9.85 -4.27
C THR A 301 -18.27 10.74 -3.61
N MET A 302 -17.88 11.97 -3.29
N MET A 302 -17.89 11.99 -3.34
CA MET A 302 -18.77 12.86 -2.55
CA MET A 302 -18.76 12.96 -2.70
C MET A 302 -20.00 13.22 -3.37
C MET A 302 -20.09 13.11 -3.44
N GLU A 303 -21.12 13.44 -2.68
N GLU A 303 -21.13 13.46 -2.69
CA GLU A 303 -22.38 13.75 -3.33
CA GLU A 303 -22.40 13.76 -3.32
C GLU A 303 -22.28 15.09 -4.08
C GLU A 303 -22.33 15.10 -4.04
N PRO A 304 -23.12 15.30 -5.09
CA PRO A 304 -23.01 16.52 -5.89
C PRO A 304 -23.51 17.75 -5.16
N SER A 305 -22.95 18.89 -5.53
CA SER A 305 -23.35 20.17 -4.96
C SER A 305 -24.78 20.48 -5.34
N ARG A 306 -25.66 20.59 -4.34
CA ARG A 306 -27.05 20.93 -4.59
C ARG A 306 -27.15 22.32 -5.21
N LYS A 307 -27.54 22.37 -6.48
CA LYS A 307 -27.69 23.63 -7.21
C LYS A 307 -28.39 23.38 -8.53
N ARG B 18 6.42 17.20 3.53
CA ARG B 18 6.88 16.25 4.57
C ARG B 18 8.40 16.20 4.64
N LEU B 19 8.93 16.04 5.85
CA LEU B 19 10.37 16.11 6.08
C LEU B 19 10.86 14.84 6.76
N ILE B 20 12.16 14.61 6.62
CA ILE B 20 12.85 13.52 7.31
C ILE B 20 13.30 14.06 8.66
N TYR B 21 12.73 13.52 9.73
CA TYR B 21 13.10 13.89 11.10
C TYR B 21 14.12 12.91 11.65
N THR B 22 15.16 13.43 12.30
CA THR B 22 16.12 12.59 12.99
C THR B 22 16.22 13.05 14.44
N ALA B 23 16.05 12.10 15.36
CA ALA B 23 15.97 12.37 16.78
C ALA B 23 17.06 11.60 17.51
N GLY B 24 17.71 12.27 18.47
CA GLY B 24 18.70 11.58 19.27
C GLY B 24 19.96 11.23 18.50
N GLY B 25 20.65 10.23 19.00
CA GLY B 25 21.91 9.79 18.43
C GLY B 25 23.04 9.92 19.42
N TYR B 26 24.25 9.64 18.93
CA TYR B 26 25.42 9.60 19.79
C TYR B 26 26.63 10.18 19.08
N PHE B 27 27.28 11.13 19.76
CA PHE B 27 28.62 11.57 19.41
C PHE B 27 29.24 12.06 20.70
N ARG B 28 30.22 11.31 21.22
CA ARG B 28 30.86 11.59 22.50
C ARG B 28 29.90 11.36 23.68
N GLN B 29 28.60 11.59 23.49
CA GLN B 29 27.56 11.22 24.45
C GLN B 29 26.25 11.15 23.69
N SER B 30 25.23 10.60 24.35
N SER B 30 25.23 10.64 24.37
CA SER B 30 23.90 10.56 23.75
CA SER B 30 23.90 10.56 23.75
C SER B 30 23.38 11.99 23.57
C SER B 30 23.31 11.96 23.62
N LEU B 31 22.57 12.18 22.53
CA LEU B 31 22.18 13.51 22.09
C LEU B 31 20.67 13.74 22.23
N SER B 32 20.31 15.03 22.31
N SER B 32 20.30 15.03 22.31
CA SER B 32 18.93 15.46 22.39
CA SER B 32 18.91 15.44 22.39
C SER B 32 18.44 16.13 21.11
C SER B 32 18.41 16.05 21.08
N TYR B 33 19.25 16.09 20.05
CA TYR B 33 18.92 16.80 18.81
C TYR B 33 17.64 16.27 18.18
N LEU B 34 16.81 17.20 17.71
CA LEU B 34 15.76 16.90 16.74
C LEU B 34 15.98 17.84 15.56
N GLU B 35 16.35 17.28 14.42
CA GLU B 35 16.55 18.06 13.21
C GLU B 35 15.75 17.42 12.08
N ALA B 36 15.36 18.23 11.11
CA ALA B 36 14.60 17.75 9.97
C ALA B 36 15.26 18.21 8.69
N TYR B 37 15.36 17.29 7.73
CA TYR B 37 16.00 17.53 6.44
C TYR B 37 14.94 17.63 5.35
N ASN B 38 15.10 18.61 4.46
CA ASN B 38 14.19 18.86 3.35
C ASN B 38 14.87 18.42 2.06
N PRO B 39 14.59 17.22 1.54
CA PRO B 39 15.26 16.77 0.30
C PRO B 39 14.96 17.65 -0.90
N SER B 40 13.90 18.45 -0.85
CA SER B 40 13.62 19.39 -1.92
C SER B 40 14.68 20.48 -1.98
N ASP B 41 14.82 21.25 -0.90
CA ASP B 41 15.72 22.39 -0.85
C ASP B 41 17.08 22.06 -0.24
N GLY B 42 17.27 20.86 0.29
CA GLY B 42 18.48 20.56 1.02
C GLY B 42 18.59 21.30 2.33
N THR B 43 17.47 21.69 2.93
CA THR B 43 17.45 22.55 4.10
C THR B 43 17.34 21.71 5.37
N TRP B 44 18.26 21.94 6.31
CA TRP B 44 18.18 21.36 7.64
C TRP B 44 17.57 22.39 8.60
N LEU B 45 16.57 21.97 9.35
CA LEU B 45 15.97 22.78 10.40
C LEU B 45 16.19 22.13 11.76
N ARG B 46 16.55 22.93 12.75
CA ARG B 46 16.76 22.46 14.10
C ARG B 46 15.51 22.76 14.93
N LEU B 47 14.91 21.71 15.50
CA LEU B 47 13.64 21.81 16.21
C LEU B 47 13.89 21.56 17.71
N ALA B 48 12.80 21.37 18.45
CA ALA B 48 12.88 21.27 19.90
C ALA B 48 13.75 20.08 20.32
N ASP B 49 14.53 20.28 21.38
CA ASP B 49 15.36 19.21 21.92
C ASP B 49 14.50 18.14 22.57
N LEU B 50 14.96 16.89 22.48
CA LEU B 50 14.42 15.85 23.35
C LEU B 50 14.56 16.27 24.81
N GLN B 51 13.61 15.86 25.64
CA GLN B 51 13.69 16.18 27.06
C GLN B 51 14.80 15.41 27.75
N VAL B 52 15.05 14.18 27.30
CA VAL B 52 16.13 13.34 27.81
C VAL B 52 16.96 12.90 26.62
N PRO B 53 18.29 13.05 26.65
CA PRO B 53 19.10 12.57 25.53
C PRO B 53 18.96 11.07 25.37
N ARG B 54 19.10 10.59 24.12
CA ARG B 54 19.03 9.15 23.91
C ARG B 54 19.71 8.79 22.59
N SER B 55 20.36 7.65 22.60
CA SER B 55 20.88 6.98 21.42
C SER B 55 20.38 5.55 21.45
N GLY B 56 20.43 4.89 20.29
CA GLY B 56 19.94 3.53 20.22
C GLY B 56 18.44 3.44 20.27
N LEU B 57 17.75 4.54 19.99
CA LEU B 57 16.30 4.61 20.00
C LEU B 57 15.77 4.27 18.61
N ALA B 58 14.46 4.18 18.51
CA ALA B 58 13.78 4.09 17.23
C ALA B 58 12.76 5.21 17.13
N GLY B 59 12.44 5.57 15.90
CA GLY B 59 11.40 6.55 15.64
C GLY B 59 10.33 5.99 14.72
N CYS B 60 9.11 6.47 14.93
CA CYS B 60 8.01 6.14 14.03
C CYS B 60 7.03 7.30 14.08
N VAL B 61 6.01 7.21 13.23
CA VAL B 61 4.99 8.25 13.09
C VAL B 61 3.63 7.57 13.13
N VAL B 62 2.72 8.11 13.95
CA VAL B 62 1.35 7.59 14.05
C VAL B 62 0.42 8.79 14.22
N GLY B 63 -0.57 8.91 13.33
CA GLY B 63 -1.43 10.07 13.38
C GLY B 63 -0.67 11.37 13.18
N GLY B 64 0.32 11.35 12.30
CA GLY B 64 1.14 12.53 12.04
C GLY B 64 2.03 12.96 13.18
N LEU B 65 2.10 12.20 14.26
CA LEU B 65 2.94 12.55 15.40
C LEU B 65 4.17 11.67 15.42
N LEU B 66 5.31 12.26 15.77
CA LEU B 66 6.60 11.55 15.81
C LEU B 66 6.83 10.98 17.20
N TYR B 67 7.11 9.67 17.26
CA TYR B 67 7.37 9.01 18.53
C TYR B 67 8.84 8.59 18.61
N ALA B 68 9.44 8.79 19.79
CA ALA B 68 10.77 8.31 20.12
C ALA B 68 10.64 7.22 21.16
N VAL B 69 11.27 6.08 20.90
CA VAL B 69 11.02 4.84 21.64
C VAL B 69 12.34 4.27 22.10
N GLY B 70 12.48 4.05 23.42
CA GLY B 70 13.61 3.31 23.94
C GLY B 70 14.93 4.06 23.81
N GLY B 71 16.01 3.28 23.74
CA GLY B 71 17.34 3.82 23.65
C GLY B 71 18.02 3.84 25.00
N ARG B 72 19.00 4.72 25.15
CA ARG B 72 19.65 4.89 26.44
C ARG B 72 20.30 6.26 26.48
N ASN B 73 20.56 6.74 27.70
CA ASN B 73 21.30 7.99 27.89
C ASN B 73 22.70 7.66 28.39
N ASN B 74 23.63 7.59 27.44
CA ASN B 74 25.04 7.29 27.70
C ASN B 74 25.76 8.62 27.80
N SER B 75 26.11 9.02 29.04
CA SER B 75 26.58 10.37 29.31
C SER B 75 27.80 10.31 30.25
N PRO B 76 28.50 11.43 30.48
CA PRO B 76 29.62 11.38 31.43
C PRO B 76 29.21 11.03 32.85
N ASP B 77 27.92 11.03 33.16
CA ASP B 77 27.43 10.79 34.51
C ASP B 77 26.55 9.55 34.62
N GLY B 78 26.36 8.79 33.56
CA GLY B 78 25.54 7.60 33.65
C GLY B 78 25.41 6.91 32.32
N ASN B 79 24.63 5.83 32.32
CA ASN B 79 24.42 5.02 31.12
C ASN B 79 23.08 4.30 31.23
N THR B 80 22.02 5.06 31.35
CA THR B 80 20.71 4.53 31.73
C THR B 80 19.91 4.09 30.52
N ASP B 81 19.58 2.80 30.46
CA ASP B 81 18.69 2.30 29.41
C ASP B 81 17.30 2.88 29.60
N SER B 82 16.61 3.13 28.49
CA SER B 82 15.36 3.88 28.52
C SER B 82 14.18 2.96 28.19
N SER B 83 13.14 3.02 29.03
CA SER B 83 11.84 2.44 28.72
C SER B 83 10.86 3.49 28.22
N ALA B 84 11.35 4.69 27.91
CA ALA B 84 10.48 5.85 27.69
C ALA B 84 9.91 5.86 26.28
N LEU B 85 8.75 6.49 26.15
CA LEU B 85 8.11 6.78 24.88
C LEU B 85 7.74 8.26 24.89
N ASP B 86 8.17 9.01 23.86
CA ASP B 86 7.96 10.45 23.82
C ASP B 86 7.44 10.89 22.46
N CYS B 87 6.60 11.91 22.47
CA CYS B 87 5.78 12.28 21.32
C CYS B 87 6.06 13.73 20.91
N TYR B 88 6.48 13.92 19.66
CA TYR B 88 6.74 15.26 19.13
C TYR B 88 5.61 15.65 18.17
N ASN B 89 5.00 16.81 18.42
CA ASN B 89 3.97 17.34 17.55
C ASN B 89 4.56 18.44 16.67
N PRO B 90 4.62 18.25 15.35
CA PRO B 90 5.19 19.30 14.49
C PRO B 90 4.40 20.59 14.51
N MET B 91 3.10 20.53 14.83
CA MET B 91 2.28 21.74 14.87
C MET B 91 2.53 22.59 16.11
N THR B 92 3.08 22.01 17.17
CA THR B 92 3.35 22.72 18.41
C THR B 92 4.84 22.86 18.72
N ASN B 93 5.71 22.09 18.05
CA ASN B 93 7.14 22.04 18.35
C ASN B 93 7.37 21.72 19.82
N GLN B 94 6.56 20.81 20.36
CA GLN B 94 6.64 20.42 21.76
C GLN B 94 6.70 18.90 21.87
N TRP B 95 7.57 18.42 22.76
CA TRP B 95 7.59 17.02 23.13
C TRP B 95 6.66 16.79 24.31
N SER B 96 6.06 15.60 24.36
CA SER B 96 5.18 15.21 25.45
C SER B 96 5.48 13.77 25.84
N PRO B 97 5.63 13.48 27.13
CA PRO B 97 5.88 12.09 27.53
C PRO B 97 4.62 11.24 27.46
N CYS B 98 4.80 9.99 27.04
CA CYS B 98 3.74 8.98 27.04
C CYS B 98 4.06 7.91 28.07
N ALA B 99 3.19 6.91 28.15
CA ALA B 99 3.41 5.80 29.07
C ALA B 99 4.67 5.04 28.67
N PRO B 100 5.45 4.56 29.64
CA PRO B 100 6.68 3.82 29.33
C PRO B 100 6.44 2.33 29.11
N MET B 101 7.40 1.72 28.44
CA MET B 101 7.33 0.28 28.17
C MET B 101 7.56 -0.51 29.46
N SER B 102 7.31 -1.82 29.36
CA SER B 102 7.48 -2.70 30.51
C SER B 102 8.95 -2.83 30.93
N VAL B 103 9.87 -2.71 29.99
CA VAL B 103 11.31 -2.85 30.26
C VAL B 103 12.07 -1.82 29.44
N PRO B 104 13.27 -1.45 29.90
CA PRO B 104 14.14 -0.62 29.05
C PRO B 104 14.60 -1.39 27.83
N ARG B 105 14.74 -0.70 26.70
CA ARG B 105 15.13 -1.34 25.43
C ARG B 105 16.11 -0.44 24.67
N ASN B 106 17.38 -0.64 24.92
CA ASN B 106 18.43 -0.01 24.13
C ASN B 106 18.64 -0.81 22.84
N ARG B 107 18.83 -0.10 21.73
CA ARG B 107 19.02 -0.71 20.41
C ARG B 107 17.78 -1.52 20.04
N ILE B 108 16.64 -0.85 20.20
CA ILE B 108 15.31 -1.35 19.91
C ILE B 108 15.03 -1.27 18.41
N GLY B 109 14.07 -2.07 17.98
CA GLY B 109 13.42 -1.88 16.69
C GLY B 109 11.93 -1.66 16.91
N VAL B 110 11.32 -0.86 16.03
CA VAL B 110 9.88 -0.60 16.11
C VAL B 110 9.26 -0.67 14.71
N GLY B 111 7.97 -0.96 14.70
CA GLY B 111 7.16 -0.90 13.49
C GLY B 111 5.73 -0.60 13.88
N VAL B 112 4.97 -0.08 12.91
CA VAL B 112 3.59 0.34 13.15
C VAL B 112 2.66 -0.50 12.29
N ILE B 113 1.64 -1.09 12.93
CA ILE B 113 0.56 -1.79 12.26
C ILE B 113 -0.76 -1.31 12.84
N ASP B 114 -1.69 -0.93 11.97
CA ASP B 114 -3.04 -0.54 12.38
C ASP B 114 -3.01 0.52 13.47
N GLY B 115 -2.10 1.49 13.31
CA GLY B 115 -2.01 2.58 14.27
C GLY B 115 -1.41 2.25 15.61
N HIS B 116 -0.78 1.08 15.75
CA HIS B 116 -0.16 0.66 16.99
C HIS B 116 1.35 0.56 16.80
N ILE B 117 2.10 0.92 17.84
CA ILE B 117 3.56 0.83 17.83
C ILE B 117 3.97 -0.48 18.47
N TYR B 118 4.76 -1.28 17.75
CA TYR B 118 5.35 -2.51 18.27
C TYR B 118 6.81 -2.24 18.65
N ALA B 119 7.16 -2.51 19.90
CA ALA B 119 8.53 -2.38 20.37
C ALA B 119 9.17 -3.76 20.42
N VAL B 120 10.31 -3.91 19.75
CA VAL B 120 10.90 -5.21 19.44
C VAL B 120 12.30 -5.28 20.04
N GLY B 121 12.53 -6.26 20.91
CA GLY B 121 13.90 -6.60 21.31
C GLY B 121 14.60 -5.49 22.08
N GLY B 122 15.90 -5.33 21.83
CA GLY B 122 16.69 -4.36 22.56
C GLY B 122 17.26 -4.96 23.82
N SER B 123 18.08 -4.16 24.52
CA SER B 123 18.79 -4.65 25.69
C SER B 123 18.48 -3.80 26.92
N HIS B 124 18.62 -4.42 28.09
CA HIS B 124 18.63 -3.73 29.38
C HIS B 124 19.83 -4.30 30.13
N GLY B 125 20.92 -3.55 30.17
CA GLY B 125 22.13 -4.10 30.77
C GLY B 125 22.61 -5.27 29.94
N CYS B 126 22.89 -6.39 30.60
N CYS B 126 22.90 -6.39 30.58
CA CYS B 126 23.31 -7.60 29.90
CA CYS B 126 23.33 -7.56 29.84
C CYS B 126 22.16 -8.31 29.20
C CYS B 126 22.17 -8.45 29.41
N ILE B 127 20.93 -8.00 29.58
CA ILE B 127 19.76 -8.76 29.12
C ILE B 127 19.46 -8.35 27.68
N HIS B 128 19.41 -9.34 26.79
CA HIS B 128 19.01 -9.14 25.39
C HIS B 128 17.60 -9.68 25.25
N HIS B 129 16.65 -8.79 24.99
CA HIS B 129 15.24 -9.17 24.99
C HIS B 129 14.88 -9.97 23.74
N ASN B 130 14.03 -10.98 23.93
CA ASN B 130 13.21 -11.47 22.83
C ASN B 130 11.77 -10.98 22.95
N SER B 131 11.45 -10.24 24.00
CA SER B 131 10.09 -9.81 24.25
C SER B 131 9.68 -8.68 23.29
N VAL B 132 8.37 -8.56 23.11
CA VAL B 132 7.75 -7.58 22.22
C VAL B 132 6.54 -7.00 22.94
N GLU B 133 6.27 -5.71 22.74
CA GLU B 133 5.06 -5.10 23.29
C GLU B 133 4.52 -4.07 22.31
N ARG B 134 3.22 -3.78 22.46
CA ARG B 134 2.48 -2.94 21.53
C ARG B 134 1.86 -1.75 22.24
N TYR B 135 1.98 -0.57 21.63
CA TYR B 135 1.46 0.68 22.20
C TYR B 135 0.20 1.12 21.47
N GLU B 136 -0.85 1.44 22.23
CA GLU B 136 -2.10 1.94 21.67
C GLU B 136 -2.23 3.42 21.99
N PRO B 137 -1.99 4.31 21.03
CA PRO B 137 -2.00 5.76 21.36
C PRO B 137 -3.33 6.27 21.88
N GLU B 138 -4.44 5.80 21.31
CA GLU B 138 -5.76 6.22 21.77
C GLU B 138 -6.05 5.78 23.20
N ARG B 139 -5.18 4.95 23.80
CA ARG B 139 -5.31 4.57 25.20
C ARG B 139 -4.08 4.88 26.04
N ASP B 140 -2.94 5.22 25.43
CA ASP B 140 -1.69 5.44 26.13
C ASP B 140 -1.33 4.25 27.02
N GLU B 141 -1.37 3.06 26.43
CA GLU B 141 -1.08 1.83 27.14
C GLU B 141 -0.22 0.91 26.30
N TRP B 142 0.75 0.25 26.95
CA TRP B 142 1.51 -0.85 26.37
C TRP B 142 0.93 -2.18 26.82
N HIS B 143 1.02 -3.17 25.94
CA HIS B 143 0.67 -4.55 26.27
C HIS B 143 1.63 -5.49 25.58
N LEU B 144 2.03 -6.55 26.29
CA LEU B 144 3.02 -7.49 25.81
C LEU B 144 2.38 -8.50 24.87
N VAL B 145 3.02 -8.74 23.73
CA VAL B 145 2.55 -9.77 22.79
C VAL B 145 3.55 -10.92 22.80
N ALA B 146 3.38 -11.86 21.88
CA ALA B 146 4.22 -13.05 21.87
C ALA B 146 5.69 -12.67 21.65
N PRO B 147 6.62 -13.29 22.36
CA PRO B 147 8.04 -12.98 22.16
C PRO B 147 8.55 -13.55 20.85
N MET B 148 9.66 -12.98 20.39
CA MET B 148 10.35 -13.50 19.22
C MET B 148 10.94 -14.87 19.50
N LEU B 149 11.23 -15.61 18.42
CA LEU B 149 11.97 -16.86 18.55
C LEU B 149 13.42 -16.63 18.99
N THR B 150 13.91 -15.40 18.89
CA THR B 150 15.32 -15.07 19.03
C THR B 150 15.45 -13.81 19.87
N ARG B 151 16.45 -13.78 20.74
CA ARG B 151 16.83 -12.53 21.38
C ARG B 151 17.56 -11.65 20.38
N ARG B 152 17.14 -10.38 20.24
CA ARG B 152 17.67 -9.52 19.19
C ARG B 152 17.82 -8.10 19.71
N ILE B 153 19.03 -7.59 19.69
CA ILE B 153 19.25 -6.15 19.79
C ILE B 153 19.91 -5.68 18.50
N GLY B 154 19.83 -4.38 18.25
CA GLY B 154 20.28 -3.89 16.96
C GLY B 154 19.47 -4.49 15.84
N VAL B 155 18.20 -4.80 16.13
CA VAL B 155 17.30 -5.52 15.22
C VAL B 155 16.66 -4.52 14.28
N GLY B 156 16.51 -4.91 13.02
CA GLY B 156 15.79 -4.10 12.06
C GLY B 156 14.34 -4.56 12.00
N VAL B 157 13.43 -3.60 11.87
CA VAL B 157 12.01 -3.92 11.90
C VAL B 157 11.33 -3.23 10.74
N ALA B 158 10.45 -3.98 10.05
CA ALA B 158 9.71 -3.44 8.93
C ALA B 158 8.32 -4.06 8.91
N VAL B 159 7.37 -3.33 8.34
CA VAL B 159 5.98 -3.77 8.26
C VAL B 159 5.61 -3.93 6.79
N LEU B 160 5.07 -5.08 6.44
CA LEU B 160 4.69 -5.35 5.05
C LEU B 160 3.45 -6.22 5.06
N ASN B 161 2.44 -5.83 4.28
CA ASN B 161 1.16 -6.55 4.25
C ASN B 161 0.62 -6.75 5.67
N ARG B 162 0.76 -5.72 6.50
CA ARG B 162 0.29 -5.74 7.88
C ARG B 162 0.93 -6.87 8.69
N LEU B 163 2.13 -7.29 8.29
CA LEU B 163 2.92 -8.26 9.05
C LEU B 163 4.19 -7.57 9.53
N LEU B 164 4.71 -8.01 10.67
CA LEU B 164 5.86 -7.40 11.33
C LEU B 164 7.08 -8.30 11.18
N TYR B 165 8.15 -7.75 10.61
CA TYR B 165 9.37 -8.51 10.37
C TYR B 165 10.47 -8.01 11.30
N ALA B 166 11.19 -8.95 11.91
CA ALA B 166 12.35 -8.66 12.74
C ALA B 166 13.54 -9.26 12.01
N VAL B 167 14.55 -8.44 11.72
CA VAL B 167 15.59 -8.77 10.76
C VAL B 167 16.96 -8.57 11.41
N GLY B 168 17.77 -9.63 11.43
CA GLY B 168 19.13 -9.55 11.92
C GLY B 168 19.20 -9.18 13.39
N GLY B 169 20.31 -8.56 13.77
CA GLY B 169 20.56 -8.16 15.12
C GLY B 169 21.65 -8.97 15.77
N PHE B 170 21.66 -8.93 17.10
CA PHE B 170 22.71 -9.48 17.94
C PHE B 170 22.05 -10.11 19.16
N ASP B 171 22.36 -11.38 19.43
CA ASP B 171 21.71 -12.07 20.54
C ASP B 171 22.53 -12.05 21.82
N GLY B 172 23.61 -11.27 21.85
CA GLY B 172 24.51 -11.21 22.99
C GLY B 172 25.77 -12.03 22.79
N THR B 173 25.74 -12.96 21.83
CA THR B 173 26.85 -13.84 21.54
C THR B 173 27.12 -13.85 20.04
N ASN B 174 26.07 -14.02 19.24
CA ASN B 174 26.18 -14.10 17.79
C ASN B 174 25.42 -12.97 17.11
N ARG B 175 25.97 -12.46 16.02
CA ARG B 175 25.17 -11.60 15.16
C ARG B 175 24.44 -12.47 14.15
N LEU B 176 23.34 -11.94 13.63
CA LEU B 176 22.31 -12.75 13.02
C LEU B 176 22.06 -12.37 11.57
N ASN B 177 21.87 -13.38 10.72
CA ASN B 177 21.27 -13.15 9.42
C ASN B 177 19.82 -13.64 9.37
N SER B 178 19.33 -14.23 10.45
CA SER B 178 17.97 -14.72 10.47
C SER B 178 16.95 -13.60 10.50
N ALA B 179 15.77 -13.89 9.97
CA ALA B 179 14.64 -12.96 10.04
C ALA B 179 13.42 -13.77 10.42
N GLU B 180 12.48 -13.13 11.11
CA GLU B 180 11.27 -13.80 11.53
C GLU B 180 10.11 -12.82 11.39
N CYS B 181 8.91 -13.37 11.21
CA CYS B 181 7.77 -12.57 10.83
C CYS B 181 6.65 -12.79 11.85
N TYR B 182 6.00 -11.71 12.25
CA TYR B 182 4.95 -11.73 13.27
C TYR B 182 3.60 -11.51 12.62
N TYR B 183 2.63 -12.35 12.94
CA TYR B 183 1.28 -12.28 12.39
C TYR B 183 0.32 -11.74 13.44
N PRO B 184 -0.09 -10.48 13.36
CA PRO B 184 -0.88 -9.89 14.45
C PRO B 184 -2.19 -10.62 14.70
N GLU B 185 -2.92 -10.97 13.64
CA GLU B 185 -4.19 -11.67 13.80
C GLU B 185 -4.03 -13.06 14.39
N ARG B 186 -2.80 -13.59 14.45
CA ARG B 186 -2.54 -14.86 15.11
C ARG B 186 -1.63 -14.72 16.33
N ASN B 187 -0.98 -13.58 16.50
CA ASN B 187 -0.04 -13.34 17.60
C ASN B 187 0.99 -14.48 17.67
N GLU B 188 1.75 -14.61 16.59
CA GLU B 188 2.65 -15.73 16.39
C GLU B 188 3.81 -15.30 15.52
N TRP B 189 5.01 -15.75 15.88
CA TRP B 189 6.23 -15.46 15.13
C TRP B 189 6.62 -16.68 14.31
N ARG B 190 6.95 -16.46 13.05
CA ARG B 190 7.40 -17.51 12.16
C ARG B 190 8.72 -17.10 11.53
N MET B 191 9.70 -17.99 11.59
CA MET B 191 10.97 -17.76 10.91
C MET B 191 10.78 -17.77 9.40
N ILE B 192 11.57 -16.94 8.71
CA ILE B 192 11.56 -16.91 7.25
C ILE B 192 12.97 -17.18 6.72
N THR B 193 13.14 -17.08 5.40
CA THR B 193 14.46 -17.24 4.79
C THR B 193 15.44 -16.23 5.38
N ALA B 194 16.62 -16.71 5.75
CA ALA B 194 17.64 -15.82 6.29
C ALA B 194 18.24 -14.96 5.19
N MET B 195 18.72 -13.78 5.58
CA MET B 195 19.46 -12.93 4.68
C MET B 195 20.73 -13.63 4.21
N ASN B 196 21.27 -13.14 3.09
CA ASN B 196 22.56 -13.64 2.64
C ASN B 196 23.68 -13.23 3.57
N THR B 197 23.54 -12.09 4.25
CA THR B 197 24.59 -11.49 5.05
C THR B 197 24.16 -11.35 6.50
N ILE B 198 25.07 -11.63 7.43
CA ILE B 198 24.83 -11.35 8.84
C ILE B 198 24.88 -9.85 9.06
N ARG B 199 23.85 -9.29 9.71
CA ARG B 199 23.75 -7.85 9.90
C ARG B 199 23.18 -7.54 11.26
N SER B 200 23.95 -6.80 12.07
CA SER B 200 23.44 -6.18 13.28
C SER B 200 23.58 -4.68 13.12
N GLY B 201 22.59 -3.94 13.62
CA GLY B 201 22.61 -2.50 13.46
C GLY B 201 22.52 -2.07 12.02
N ALA B 202 21.78 -2.82 11.20
CA ALA B 202 21.49 -2.42 9.85
C ALA B 202 20.35 -1.40 9.84
N GLY B 203 20.19 -0.74 8.70
CA GLY B 203 18.99 0.02 8.47
C GLY B 203 18.00 -0.86 7.73
N VAL B 204 16.80 -1.05 8.28
CA VAL B 204 15.79 -1.90 7.67
C VAL B 204 14.54 -1.07 7.42
N CYS B 205 14.03 -1.09 6.20
CA CYS B 205 12.79 -0.39 5.90
C CYS B 205 12.04 -1.14 4.81
N VAL B 206 10.87 -0.63 4.45
CA VAL B 206 10.09 -1.18 3.34
C VAL B 206 10.02 -0.13 2.25
N LEU B 207 10.25 -0.54 1.01
CA LEU B 207 10.11 0.35 -0.13
C LEU B 207 9.60 -0.46 -1.29
N HIS B 208 8.43 -0.08 -1.84
CA HIS B 208 7.85 -0.76 -2.99
C HIS B 208 7.74 -2.28 -2.76
N ASN B 209 7.14 -2.66 -1.63
CA ASN B 209 6.75 -4.04 -1.34
C ASN B 209 7.94 -4.98 -1.20
N CYS B 210 9.12 -4.46 -0.89
CA CYS B 210 10.26 -5.27 -0.51
C CYS B 210 10.85 -4.75 0.78
N ILE B 211 11.33 -5.66 1.61
CA ILE B 211 12.03 -5.31 2.83
C ILE B 211 13.50 -5.13 2.49
N TYR B 212 14.03 -3.94 2.74
CA TYR B 212 15.44 -3.64 2.48
C TYR B 212 16.23 -3.72 3.77
N ALA B 213 17.43 -4.26 3.68
CA ALA B 213 18.38 -4.28 4.79
C ALA B 213 19.68 -3.70 4.29
N ALA B 214 20.05 -2.52 4.79
CA ALA B 214 21.20 -1.78 4.30
C ALA B 214 22.26 -1.68 5.40
N GLY B 215 23.49 -2.05 5.06
CA GLY B 215 24.59 -1.88 5.99
C GLY B 215 24.49 -2.82 7.17
N GLY B 216 25.02 -2.35 8.29
CA GLY B 216 25.14 -3.13 9.51
C GLY B 216 26.57 -3.52 9.77
N TYR B 217 26.72 -4.39 10.76
CA TYR B 217 28.01 -4.88 11.22
C TYR B 217 27.88 -6.38 11.34
N ASP B 218 28.85 -7.13 10.79
CA ASP B 218 28.74 -8.59 10.77
C ASP B 218 29.61 -9.26 11.81
N GLY B 219 30.15 -8.50 12.77
CA GLY B 219 31.08 -9.03 13.75
C GLY B 219 32.53 -8.80 13.41
N GLN B 220 32.82 -8.40 12.19
CA GLN B 220 34.18 -8.11 11.75
C GLN B 220 34.30 -6.77 11.06
N ASP B 221 33.36 -6.40 10.19
N ASP B 221 33.33 -6.41 10.22
CA ASP B 221 33.47 -5.09 9.56
CA ASP B 221 33.38 -5.20 9.40
C ASP B 221 32.09 -4.53 9.27
C ASP B 221 32.01 -4.52 9.37
N GLN B 222 32.03 -3.21 9.16
CA GLN B 222 30.84 -2.52 8.73
C GLN B 222 30.56 -2.85 7.27
N LEU B 223 29.30 -2.85 6.89
CA LEU B 223 28.86 -3.29 5.59
C LEU B 223 28.35 -2.11 4.77
N ASN B 224 28.63 -2.13 3.47
CA ASN B 224 27.95 -1.24 2.54
C ASN B 224 26.95 -1.98 1.66
N SER B 225 26.91 -3.30 1.74
CA SER B 225 25.99 -4.08 0.92
C SER B 225 24.55 -3.88 1.38
N VAL B 226 23.63 -4.06 0.43
CA VAL B 226 22.20 -3.86 0.62
C VAL B 226 21.47 -5.01 -0.03
N GLU B 227 20.54 -5.64 0.68
CA GLU B 227 19.74 -6.70 0.07
C GLU B 227 18.26 -6.47 0.38
N ARG B 228 17.40 -7.07 -0.45
CA ARG B 228 15.98 -6.85 -0.27
C ARG B 228 15.20 -8.16 -0.41
N TYR B 229 14.13 -8.25 0.37
CA TYR B 229 13.34 -9.46 0.49
C TYR B 229 12.06 -9.33 -0.31
N ASP B 230 11.82 -10.28 -1.20
CA ASP B 230 10.59 -10.36 -1.98
C ASP B 230 9.71 -11.44 -1.36
N VAL B 231 8.56 -11.04 -0.83
CA VAL B 231 7.74 -11.98 -0.07
C VAL B 231 7.15 -13.07 -0.96
N ALA B 232 6.80 -12.76 -2.21
CA ALA B 232 6.14 -13.77 -3.04
C ALA B 232 7.08 -14.92 -3.39
N THR B 233 8.38 -14.66 -3.54
CA THR B 233 9.34 -15.71 -3.83
C THR B 233 10.16 -16.12 -2.61
N ALA B 234 9.99 -15.44 -1.47
CA ALA B 234 10.74 -15.72 -0.25
C ALA B 234 12.24 -15.74 -0.52
N THR B 235 12.72 -14.72 -1.24
N THR B 235 12.72 -14.76 -1.28
CA THR B 235 14.11 -14.64 -1.67
CA THR B 235 14.13 -14.66 -1.62
C THR B 235 14.68 -13.27 -1.30
C THR B 235 14.67 -13.29 -1.22
N TRP B 236 15.91 -13.28 -0.77
CA TRP B 236 16.69 -12.06 -0.57
C TRP B 236 17.62 -11.89 -1.77
N THR B 237 17.66 -10.69 -2.33
N THR B 237 17.68 -10.68 -2.31
CA THR B 237 18.55 -10.40 -3.44
CA THR B 237 18.50 -10.35 -3.47
C THR B 237 19.30 -9.10 -3.15
C THR B 237 19.28 -9.07 -3.20
N PHE B 238 20.56 -9.05 -3.57
CA PHE B 238 21.37 -7.85 -3.39
C PHE B 238 20.99 -6.79 -4.43
N VAL B 239 21.09 -5.53 -4.00
CA VAL B 239 21.00 -4.40 -4.91
C VAL B 239 22.32 -3.64 -4.85
N ALA B 240 22.37 -2.44 -5.42
CA ALA B 240 23.60 -1.66 -5.41
C ALA B 240 24.03 -1.37 -3.97
N PRO B 241 25.32 -1.45 -3.67
CA PRO B 241 25.78 -1.12 -2.31
C PRO B 241 25.89 0.38 -2.10
N MET B 242 25.83 0.76 -0.83
CA MET B 242 26.08 2.14 -0.44
C MET B 242 27.55 2.50 -0.71
N LYS B 243 27.82 3.80 -0.82
CA LYS B 243 29.19 4.23 -1.00
C LYS B 243 30.01 4.07 0.27
N HIS B 244 29.40 4.26 1.44
CA HIS B 244 30.11 4.26 2.72
C HIS B 244 29.53 3.19 3.63
N ARG B 245 30.37 2.22 4.00
CA ARG B 245 30.01 1.24 5.02
C ARG B 245 29.57 1.94 6.29
N ARG B 246 28.57 1.36 6.96
CA ARG B 246 28.05 1.99 8.17
C ARG B 246 27.16 1.01 8.92
N SER B 247 27.17 1.13 10.24
CA SER B 247 26.21 0.45 11.10
C SER B 247 25.62 1.49 12.04
N ALA B 248 24.56 1.09 12.75
CA ALA B 248 23.85 1.99 13.65
C ALA B 248 23.40 3.25 12.91
N LEU B 249 22.87 3.04 11.72
CA LEU B 249 22.41 4.12 10.85
C LEU B 249 20.91 4.35 11.04
N GLY B 250 20.47 5.55 10.69
CA GLY B 250 19.07 5.83 10.53
C GLY B 250 18.65 5.57 9.09
N ILE B 251 17.39 5.20 8.91
CA ILE B 251 16.89 4.89 7.57
C ILE B 251 15.43 5.27 7.49
N THR B 252 15.03 5.77 6.33
CA THR B 252 13.61 6.03 6.09
C THR B 252 13.40 6.12 4.58
N VAL B 253 12.13 6.04 4.20
CA VAL B 253 11.75 6.21 2.80
C VAL B 253 11.08 7.57 2.66
N HIS B 254 11.46 8.30 1.61
CA HIS B 254 10.95 9.62 1.32
C HIS B 254 10.66 9.69 -0.17
N GLN B 255 9.39 9.86 -0.52
CA GLN B 255 8.94 10.00 -1.91
C GLN B 255 9.53 8.89 -2.80
N GLY B 256 9.38 7.65 -2.34
CA GLY B 256 9.81 6.51 -3.11
C GLY B 256 11.31 6.30 -3.19
N ARG B 257 12.08 6.86 -2.26
CA ARG B 257 13.52 6.65 -2.24
C ARG B 257 13.95 6.41 -0.80
N ILE B 258 15.03 5.65 -0.65
CA ILE B 258 15.55 5.31 0.67
C ILE B 258 16.65 6.29 1.03
N TYR B 259 16.59 6.83 2.25
CA TYR B 259 17.65 7.69 2.76
C TYR B 259 18.26 7.01 3.96
N VAL B 260 19.59 6.94 4.00
CA VAL B 260 20.31 6.46 5.17
C VAL B 260 21.10 7.62 5.75
N LEU B 261 21.17 7.69 7.08
CA LEU B 261 21.65 8.87 7.79
C LEU B 261 22.66 8.46 8.85
N GLY B 262 23.87 9.03 8.78
CA GLY B 262 24.85 8.86 9.85
C GLY B 262 25.27 7.41 10.04
N GLY B 263 25.65 7.11 11.26
CA GLY B 263 26.12 5.79 11.63
C GLY B 263 27.57 5.82 12.05
N TYR B 264 28.13 4.62 12.18
CA TYR B 264 29.50 4.43 12.61
C TYR B 264 30.18 3.49 11.63
N ASP B 265 31.42 3.77 11.27
CA ASP B 265 32.12 2.95 10.29
C ASP B 265 33.32 2.23 10.89
N GLY B 266 33.39 2.13 12.21
CA GLY B 266 34.52 1.55 12.87
C GLY B 266 35.59 2.55 13.27
N HIS B 267 35.50 3.78 12.78
CA HIS B 267 36.50 4.79 13.07
C HIS B 267 35.87 6.16 13.28
N THR B 268 34.90 6.52 12.44
N THR B 268 34.91 6.52 12.44
CA THR B 268 34.31 7.85 12.44
CA THR B 268 34.31 7.84 12.45
C THR B 268 32.80 7.74 12.59
C THR B 268 32.79 7.74 12.61
N PHE B 269 32.21 8.79 13.17
CA PHE B 269 30.76 8.93 13.23
C PHE B 269 30.32 9.73 12.01
N LEU B 270 29.54 9.09 11.13
CA LEU B 270 29.27 9.66 9.82
C LEU B 270 28.24 10.78 9.91
N ASP B 271 28.46 11.83 9.14
CA ASP B 271 27.41 12.79 8.82
C ASP B 271 26.83 12.58 7.44
N SER B 272 27.37 11.61 6.69
CA SER B 272 26.95 11.37 5.32
C SER B 272 25.52 10.86 5.26
N VAL B 273 24.78 11.33 4.25
CA VAL B 273 23.41 10.91 3.99
C VAL B 273 23.34 10.44 2.54
N GLU B 274 23.12 9.14 2.33
CA GLU B 274 23.03 8.58 0.99
C GLU B 274 21.57 8.33 0.62
N CYS B 275 21.29 8.43 -0.68
CA CYS B 275 19.94 8.28 -1.20
C CYS B 275 19.94 7.21 -2.28
N TYR B 276 19.09 6.19 -2.11
CA TYR B 276 18.97 5.11 -3.07
C TYR B 276 17.77 5.36 -3.97
N ASP B 277 18.02 5.38 -5.28
CA ASP B 277 16.96 5.48 -6.27
C ASP B 277 16.70 4.08 -6.81
N PRO B 278 15.54 3.48 -6.56
CA PRO B 278 15.34 2.10 -7.00
C PRO B 278 15.20 1.98 -8.51
N ASP B 279 14.67 3.02 -9.16
CA ASP B 279 14.50 2.96 -10.61
C ASP B 279 15.83 2.84 -11.33
N THR B 280 16.90 3.40 -10.76
CA THR B 280 18.22 3.31 -11.35
C THR B 280 19.16 2.39 -10.60
N ASP B 281 18.78 1.93 -9.39
CA ASP B 281 19.64 1.07 -8.58
C ASP B 281 20.99 1.73 -8.33
N THR B 282 20.96 2.98 -7.89
CA THR B 282 22.17 3.73 -7.59
C THR B 282 22.00 4.51 -6.30
N TRP B 283 23.11 4.73 -5.60
CA TRP B 283 23.16 5.55 -4.40
C TRP B 283 23.91 6.83 -4.71
N SER B 284 23.45 7.95 -4.13
CA SER B 284 24.14 9.21 -4.23
C SER B 284 24.08 9.92 -2.88
N GLU B 285 25.13 10.69 -2.58
CA GLU B 285 25.13 11.50 -1.37
C GLU B 285 24.19 12.68 -1.56
N VAL B 286 23.18 12.77 -0.70
CA VAL B 286 22.16 13.82 -0.83
C VAL B 286 22.52 15.04 -0.01
N THR B 287 23.10 14.84 1.17
CA THR B 287 23.53 15.93 2.03
C THR B 287 24.47 15.38 3.09
N ARG B 288 24.98 16.26 3.93
CA ARG B 288 25.69 15.89 5.14
C ARG B 288 24.87 16.33 6.34
N MET B 289 24.82 15.48 7.37
CA MET B 289 24.22 15.91 8.62
C MET B 289 25.04 17.08 9.20
N THR B 290 24.37 17.91 10.01
CA THR B 290 25.08 19.04 10.61
C THR B 290 26.23 18.58 11.49
N SER B 291 26.19 17.35 11.99
CA SER B 291 27.28 16.77 12.75
C SER B 291 27.10 15.26 12.72
N GLY B 292 28.22 14.53 12.66
CA GLY B 292 28.16 13.08 12.61
C GLY B 292 27.62 12.49 13.90
N ARG B 293 26.92 11.36 13.76
CA ARG B 293 26.28 10.72 14.89
C ARG B 293 25.81 9.33 14.47
N SER B 294 25.65 8.45 15.44
CA SER B 294 25.14 7.10 15.23
C SER B 294 23.90 6.90 16.09
N GLY B 295 23.17 5.81 15.81
CA GLY B 295 22.08 5.39 16.68
C GLY B 295 20.94 6.38 16.80
N VAL B 296 20.57 7.01 15.68
CA VAL B 296 19.44 7.93 15.65
C VAL B 296 18.13 7.15 15.50
N GLY B 297 17.02 7.84 15.76
CA GLY B 297 15.70 7.41 15.32
C GLY B 297 15.24 8.34 14.20
N VAL B 298 14.69 7.76 13.13
CA VAL B 298 14.32 8.51 11.93
C VAL B 298 12.88 8.17 11.55
N ALA B 299 12.14 9.18 11.09
CA ALA B 299 10.82 8.96 10.54
C ALA B 299 10.44 10.20 9.74
N VAL B 300 9.36 10.09 8.96
CA VAL B 300 8.93 11.15 8.06
C VAL B 300 7.53 11.60 8.47
N THR B 301 7.33 12.91 8.49
CA THR B 301 5.98 13.48 8.63
C THR B 301 6.02 14.93 8.17
N MET B 302 4.92 15.63 8.42
CA MET B 302 4.65 17.01 8.01
C MET B 302 5.76 18.01 8.29
N GLU B 303 5.67 19.17 7.65
CA GLU B 303 6.52 20.30 8.01
C GLU B 303 6.02 20.91 9.31
N PRO B 304 6.92 21.44 10.15
CA PRO B 304 6.52 22.09 11.39
C PRO B 304 6.08 23.54 11.17
C ACE C 1 37.21 -3.75 26.06
O ACE C 1 36.99 -4.54 26.92
CH3 ACE C 1 38.44 -2.87 26.12
N TRP C 2 36.42 -3.62 24.99
CA TRP C 2 36.67 -2.66 23.93
C TRP C 2 36.19 -1.27 24.36
N ARG C 3 37.06 -0.27 24.17
CA ARG C 3 36.71 1.09 24.60
C ARG C 3 35.49 1.61 23.85
N CYS C 4 35.43 1.38 22.54
CA CYS C 4 34.29 1.79 21.72
C CYS C 4 33.54 0.57 21.23
N ASP C 5 32.22 0.62 21.33
CA ASP C 5 31.39 -0.42 20.75
C ASP C 5 31.69 -0.55 19.26
N PRO C 6 32.05 -1.74 18.77
CA PRO C 6 32.44 -1.86 17.36
C PRO C 6 31.30 -1.56 16.41
N GLU C 7 30.05 -1.66 16.87
CA GLU C 7 28.87 -1.49 16.03
C GLU C 7 28.29 -0.08 16.09
N THR C 8 28.24 0.52 17.28
CA THR C 8 27.64 1.82 17.46
C THR C 8 28.66 2.92 17.73
N GLY C 9 29.89 2.57 18.05
CA GLY C 9 30.91 3.53 18.43
C GLY C 9 30.78 4.08 19.83
N GLU C 10 29.75 3.70 20.57
CA GLU C 10 29.52 4.30 21.88
C GLU C 10 30.60 3.87 22.88
N CYS C 11 30.96 4.78 23.76
CA CYS C 11 31.92 4.52 24.82
CA CYS C 11 31.91 4.50 24.81
C CYS C 11 31.31 3.60 25.86
N NH2 C 12 32.13 2.71 26.42
S SO4 D . -20.26 -6.15 -26.36
O1 SO4 D . -20.23 -6.04 -27.82
O2 SO4 D . -20.85 -4.94 -25.80
O3 SO4 D . -21.08 -7.31 -25.99
O4 SO4 D . -18.90 -6.35 -25.86
S SO4 E . -33.65 9.63 -20.90
O1 SO4 E . -34.52 9.73 -22.06
O2 SO4 E . -33.87 10.76 -20.00
O3 SO4 E . -33.94 8.38 -20.18
O4 SO4 E . -32.26 9.62 -21.33
S SO4 F . 0.69 -13.49 -27.96
O1 SO4 F . -0.50 -13.89 -27.23
O2 SO4 F . 0.33 -13.01 -29.29
O3 SO4 F . 1.59 -14.63 -28.08
O4 SO4 F . 1.37 -12.42 -27.23
CL CL G . -16.85 5.24 1.73
CL CL H . -16.25 0.07 -12.69
CL CL I . -2.30 -5.86 -26.52
C1 EDO J . -33.52 5.39 -16.65
O1 EDO J . -33.59 4.22 -15.85
C2 EDO J . -34.93 5.94 -16.90
O2 EDO J . -35.15 7.04 -16.01
C1 GOL K . -26.61 -21.55 -18.87
O1 GOL K . -26.36 -21.83 -17.53
C2 GOL K . -26.45 -20.03 -19.03
O2 GOL K . -27.42 -19.35 -18.30
C3 GOL K . -26.53 -19.78 -20.58
O3 GOL K . -26.12 -18.44 -20.85
C1 EDO L . -15.62 -0.02 8.16
O1 EDO L . -15.67 -1.44 8.04
C2 EDO L . -14.84 0.57 6.98
O2 EDO L . -15.19 1.94 6.80
C1 EDO M . -22.36 -23.56 -9.97
O1 EDO M . -21.85 -22.36 -10.59
C2 EDO M . -21.80 -23.70 -8.56
O2 EDO M . -22.58 -22.91 -7.65
C1 EDO N . -27.99 -21.33 -6.56
O1 EDO N . -26.61 -21.69 -6.44
C2 EDO N . -28.42 -21.44 -8.01
O2 EDO N . -29.46 -20.48 -8.28
NA NA O . 3.50 11.86 -18.46
NA NA P . -10.94 10.95 -24.21
NA NA Q . -18.25 -12.60 -19.33
NA NA R . -8.21 -16.60 1.41
NA NA S . -25.12 10.50 -24.45
NA NA T . -13.37 -0.01 -11.54
S SO4 U . 36.07 1.41 2.07
O1 SO4 U . 35.55 0.27 1.31
O2 SO4 U . 35.34 2.61 1.70
O3 SO4 U . 35.90 1.17 3.49
O4 SO4 U . 37.49 1.58 1.77
S SO4 V . 16.53 -18.41 26.01
O1 SO4 V . 16.64 -19.87 26.00
O2 SO4 V . 15.53 -17.99 25.03
O3 SO4 V . 16.11 -17.97 27.34
O4 SO4 V . 17.81 -17.81 25.67
NA NA W . 25.81 -10.37 32.68
NA NA X . 16.51 3.63 14.59
C1 EDO Y . 2.56 -1.87 3.54
O1 EDO Y . 2.62 -3.12 2.84
C2 EDO Y . 1.28 -1.80 4.37
O2 EDO Y . 1.28 -2.85 5.34
C1 EDO Z . 32.51 -12.98 8.95
O1 EDO Z . 33.14 -11.71 8.75
C2 EDO Z . 31.05 -12.89 8.54
O2 EDO Z . 30.21 -13.08 9.70
C1 GOL AA . 12.67 3.40 12.29
O1 GOL AA . 12.09 2.81 13.41
C2 GOL AA . 14.13 3.77 12.67
O2 GOL AA . 14.20 4.74 13.67
C3 GOL AA . 14.75 4.22 11.33
O3 GOL AA . 16.07 4.63 11.57
C1 EDO BA . 13.88 -11.09 28.79
O1 EDO BA . 13.52 -9.74 29.08
C2 EDO BA . 12.91 -11.62 27.75
O2 EDO BA . 12.83 -10.67 26.68
C1 GOL CA . 23.32 -17.53 22.10
O1 GOL CA . 23.45 -17.50 20.70
C2 GOL CA . 21.82 -17.72 22.40
O2 GOL CA . 21.33 -18.91 21.86
C3 GOL CA . 21.71 -17.69 23.96
O3 GOL CA . 22.37 -18.81 24.44
C1 ZK2 DA . 34.87 4.99 21.99
C2 ZK2 DA . 35.58 6.32 22.15
C3 ZK2 DA . 36.20 6.90 21.05
C4 ZK2 DA . 36.85 8.12 21.15
C5 ZK2 DA . 36.89 8.76 22.36
C6 ZK2 DA . 36.29 8.20 23.46
C7 ZK2 DA . 35.62 6.99 23.37
C8 ZK2 DA . 34.96 6.40 24.61
#